data_6TJA
#
_entry.id   6TJA
#
_cell.length_a   74.754
_cell.length_b   104.928
_cell.length_c   108.694
_cell.angle_alpha   90.000
_cell.angle_beta   90.000
_cell.angle_gamma   90.000
#
_symmetry.space_group_name_H-M   'P 21 21 21'
#
loop_
_entity.id
_entity.type
_entity.pdbx_description
1 polymer SVS_variant_AS1
2 non-polymer DI(HYDROXYETHYL)ETHER
3 water water
#
_entity_poly.entity_id   1
_entity_poly.type   'polypeptide(L)'
_entity_poly.pdbx_seq_one_letter_code
;MAMTVTEVDLPPIYCPLESAIHPRVHEVEKRAVEWIRRSGMCASEEERAWVIATHSADFFARFAPTAADEDRLLATSLFV
YWLFAFDDHRCDNGPLSTRPAQFNALAGRVQRALEAPSAEDNGDRFVPALQDIARRFRSFGTPTQVRRFVHAHRAWLSGV
AWQIGNQARGHMPGLDDYLAMRLLSAGGEPTFAMLEIATGAEVPDREMHRPAVRALTEMAIMVAALDNDRHSLRKELSRG
HTDQNIYSVLMHHRGMSLQEAVEEATKLRDRILLRFLELHDRVRPGAGAELSTYLQGLRHGIRGNAEWGLRVPRYLSLGR
VPDPMEDAPLTWAESPSDSSPSPLPGAPSIAWWWDDALLGA
;
_entity_poly.pdbx_strand_id   A,B
#
loop_
_chem_comp.id
_chem_comp.type
_chem_comp.name
_chem_comp.formula
PEG non-polymer DI(HYDROXYETHYL)ETHER 'C4 H10 O3'
#
# COMPACT_ATOMS: atom_id res chain seq x y z
N ASP A 9 -15.93 30.78 16.19
CA ASP A 9 -17.08 30.08 16.87
C ASP A 9 -16.93 28.56 16.71
N LEU A 10 -16.32 27.91 17.71
CA LEU A 10 -15.77 26.53 17.67
C LEU A 10 -16.43 25.70 18.78
N PRO A 11 -17.36 24.77 18.47
CA PRO A 11 -18.02 23.98 19.52
C PRO A 11 -17.02 23.04 20.19
N PRO A 12 -17.20 22.65 21.48
CA PRO A 12 -16.27 21.73 22.13
C PRO A 12 -16.43 20.33 21.50
N ILE A 13 -15.38 19.51 21.60
CA ILE A 13 -15.29 18.17 20.94
C ILE A 13 -16.09 17.14 21.76
N TYR A 14 -16.96 16.36 21.10
CA TYR A 14 -17.59 15.12 21.63
C TYR A 14 -16.53 14.01 21.63
N CYS A 15 -16.06 13.58 22.80
CA CYS A 15 -15.05 12.49 22.88
C CYS A 15 -15.11 11.78 24.21
N PRO A 16 -16.16 11.01 24.43
CA PRO A 16 -16.30 10.27 25.66
C PRO A 16 -15.48 9.00 25.64
N LEU A 17 -14.18 9.12 25.54
CA LEU A 17 -13.28 8.02 25.50
C LEU A 17 -12.19 8.14 26.56
N GLU A 18 -11.55 7.05 26.85
CA GLU A 18 -10.51 6.98 27.84
C GLU A 18 -9.28 7.80 27.56
N SER A 19 -9.00 8.76 28.42
CA SER A 19 -7.80 9.61 28.29
C SER A 19 -6.73 9.05 29.22
N ALA A 20 -5.58 8.64 28.71
CA ALA A 20 -4.47 8.17 29.56
C ALA A 20 -3.16 8.39 28.85
N ILE A 21 -2.08 8.48 29.63
CA ILE A 21 -0.72 8.73 29.10
C ILE A 21 0.29 7.83 29.79
N HIS A 22 1.27 7.35 29.03
CA HIS A 22 2.29 6.40 29.55
C HIS A 22 2.99 7.02 30.76
N PRO A 23 3.13 6.29 31.90
CA PRO A 23 3.84 6.83 33.06
C PRO A 23 5.31 7.18 32.80
N ARG A 24 5.93 6.66 31.75
CA ARG A 24 7.35 6.95 31.41
C ARG A 24 7.43 7.92 30.24
N VAL A 25 6.39 8.72 29.99
CA VAL A 25 6.37 9.64 28.82
C VAL A 25 7.63 10.53 28.82
N HIS A 26 7.98 11.14 29.96
CA HIS A 26 9.11 12.12 30.06
C HIS A 26 10.44 11.42 29.77
N GLU A 27 10.63 10.20 30.25
CA GLU A 27 11.87 9.42 29.99
C GLU A 27 11.97 9.15 28.48
N VAL A 28 10.86 8.79 27.83
CA VAL A 28 10.85 8.48 26.38
C VAL A 28 11.07 9.77 25.59
N GLU A 29 10.45 10.87 25.98
CA GLU A 29 10.62 12.18 25.26
C GLU A 29 12.10 12.58 25.27
N LYS A 30 12.83 12.31 26.36
CA LYS A 30 14.24 12.75 26.50
C LYS A 30 15.04 12.01 25.43
N ARG A 31 14.89 10.69 25.39
CA ARG A 31 15.55 9.83 24.38
C ARG A 31 15.16 10.28 22.97
N ALA A 32 13.88 10.68 22.78
CA ALA A 32 13.35 11.12 21.46
C ALA A 32 14.06 12.41 21.03
N VAL A 33 14.23 13.32 21.96
CA VAL A 33 14.89 14.57 21.72
C VAL A 33 16.34 14.31 21.37
N GLU A 34 17.00 13.38 22.00
CA GLU A 34 18.37 13.13 21.62
C GLU A 34 18.49 12.49 20.27
N TRP A 35 17.64 11.54 19.96
CA TRP A 35 17.62 10.88 18.62
C TRP A 35 17.46 11.93 17.52
N ILE A 36 16.53 12.88 17.74
CA ILE A 36 16.17 13.95 16.77
C ILE A 36 17.44 14.75 16.44
N ARG A 37 18.20 15.17 17.46
CA ARG A 37 19.44 15.98 17.31
C ARG A 37 20.48 15.20 16.50
N ARG A 38 20.58 13.88 16.69
CA ARG A 38 21.56 13.01 15.99
C ARG A 38 21.03 12.50 14.64
N SER A 39 19.74 12.65 14.35
CA SER A 39 19.06 11.88 13.26
C SER A 39 19.59 12.28 11.88
N GLY A 40 20.02 13.55 11.74
CA GLY A 40 20.35 14.17 10.44
C GLY A 40 19.07 14.60 9.74
N MET A 41 17.92 14.39 10.37
CA MET A 41 16.58 14.68 9.78
C MET A 41 16.41 16.20 9.66
N CYS A 42 17.08 16.96 10.51
CA CYS A 42 16.92 18.44 10.61
C CYS A 42 18.18 19.15 10.06
N ALA A 43 17.95 20.07 9.12
CA ALA A 43 18.97 20.90 8.43
C ALA A 43 19.51 22.01 9.36
N SER A 44 18.64 22.66 10.15
CA SER A 44 18.95 23.83 11.01
C SER A 44 18.41 23.64 12.45
N GLU A 45 18.88 24.45 13.40
CA GLU A 45 18.40 24.49 14.81
C GLU A 45 16.91 24.88 14.85
N GLU A 46 16.46 25.82 14.02
CA GLU A 46 15.03 26.23 13.95
C GLU A 46 14.14 25.01 13.65
N GLU A 47 14.59 24.09 12.79
CA GLU A 47 13.84 22.85 12.40
C GLU A 47 13.80 21.85 13.56
N ARG A 48 14.95 21.52 14.14
CA ARG A 48 15.07 20.69 15.38
C ARG A 48 14.05 21.17 16.43
N ALA A 49 14.01 22.46 16.73
CA ALA A 49 13.10 23.01 17.76
C ALA A 49 11.65 22.85 17.30
N TRP A 50 11.37 23.04 16.00
CA TRP A 50 10.01 22.84 15.44
C TRP A 50 9.58 21.39 15.69
N VAL A 51 10.44 20.41 15.38
CA VAL A 51 10.09 18.97 15.50
C VAL A 51 9.92 18.61 16.99
N ILE A 52 10.85 19.03 17.85
CA ILE A 52 10.77 18.82 19.33
C ILE A 52 9.41 19.34 19.83
N ALA A 53 9.03 20.53 19.38
CA ALA A 53 7.83 21.27 19.82
C ALA A 53 6.54 20.59 19.34
N THR A 54 6.58 19.63 18.41
CA THR A 54 5.38 18.77 18.13
C THR A 54 4.98 18.01 19.40
N HIS A 55 5.93 17.71 20.31
CA HIS A 55 5.77 16.81 21.48
C HIS A 55 5.15 15.51 21.01
N SER A 56 5.78 14.84 20.06
CA SER A 56 5.21 13.62 19.47
C SER A 56 5.29 12.47 20.48
N ALA A 57 6.18 12.53 21.47
CA ALA A 57 6.28 11.47 22.51
C ALA A 57 5.07 11.58 23.43
N ASP A 58 4.65 12.79 23.75
CA ASP A 58 3.39 13.03 24.50
C ASP A 58 2.23 12.45 23.69
N PHE A 59 2.20 12.75 22.39
CA PHE A 59 1.16 12.29 21.44
C PHE A 59 1.05 10.76 21.54
N PHE A 60 2.10 10.00 21.23
CA PHE A 60 1.94 8.54 21.06
C PHE A 60 1.93 7.81 22.41
N ALA A 61 2.43 8.43 23.48
CA ALA A 61 2.34 7.92 24.87
C ALA A 61 0.86 7.84 25.30
N ARG A 62 0.00 8.62 24.64
CA ARG A 62 -1.47 8.58 24.79
C ARG A 62 -2.11 7.45 23.97
N PHE A 63 -1.45 6.96 22.96
CA PHE A 63 -1.96 5.88 22.14
C PHE A 63 -1.67 4.54 22.77
N ALA A 64 -0.53 4.42 23.43
CA ALA A 64 -0.11 3.19 24.06
C ALA A 64 0.36 3.47 25.48
N PRO A 65 -0.57 3.83 26.34
CA PRO A 65 -0.17 4.22 27.68
C PRO A 65 0.27 3.13 28.65
N THR A 66 0.20 1.85 28.32
CA THR A 66 0.67 0.77 29.22
C THR A 66 1.73 -0.08 28.52
N ALA A 67 2.30 0.42 27.42
CA ALA A 67 3.42 -0.23 26.69
C ALA A 67 4.47 -0.68 27.70
N ALA A 68 4.75 -1.99 27.75
CA ALA A 68 5.59 -2.61 28.80
C ALA A 68 7.06 -2.27 28.53
N ASP A 69 7.44 -2.15 27.27
CA ASP A 69 8.79 -1.88 26.80
C ASP A 69 8.97 -0.48 26.27
N GLU A 70 9.77 0.29 26.98
CA GLU A 70 10.05 1.66 26.65
C GLU A 70 10.71 1.84 25.29
N ASP A 71 11.45 0.85 24.87
CA ASP A 71 12.07 0.98 23.59
C ASP A 71 11.05 0.89 22.50
N ARG A 72 9.98 0.18 22.72
CA ARG A 72 8.91 0.05 21.68
C ARG A 72 8.15 1.36 21.59
N LEU A 73 7.86 2.00 22.73
CA LEU A 73 7.15 3.31 22.75
C LEU A 73 8.08 4.36 22.14
N LEU A 74 9.39 4.23 22.36
CA LEU A 74 10.35 5.20 21.78
C LEU A 74 10.31 5.07 20.26
N ALA A 75 10.47 3.86 19.72
CA ALA A 75 10.60 3.64 18.26
C ALA A 75 9.33 4.16 17.56
N THR A 76 8.16 3.82 18.07
CA THR A 76 6.87 4.28 17.47
C THR A 76 6.77 5.80 17.63
N SER A 77 7.14 6.37 18.79
CA SER A 77 7.16 7.84 18.99
C SER A 77 8.07 8.51 17.95
N LEU A 78 9.25 7.97 17.67
CA LEU A 78 10.17 8.54 16.63
C LEU A 78 9.45 8.69 15.29
N PHE A 79 8.73 7.67 14.84
CA PHE A 79 8.02 7.75 13.55
C PHE A 79 7.01 8.88 13.59
N VAL A 80 6.43 9.19 14.76
CA VAL A 80 5.44 10.30 14.80
C VAL A 80 6.18 11.63 14.59
N TYR A 81 7.40 11.78 15.14
CA TYR A 81 8.25 12.98 14.90
C TYR A 81 8.55 13.06 13.39
N TRP A 82 9.06 11.95 12.87
CA TRP A 82 9.44 11.80 11.45
C TRP A 82 8.28 12.22 10.57
N LEU A 83 7.08 11.72 10.85
CA LEU A 83 5.87 11.98 10.07
C LEU A 83 5.59 13.48 10.08
N PHE A 84 5.59 14.14 11.23
CA PHE A 84 5.29 15.59 11.29
C PHE A 84 6.34 16.33 10.45
N ALA A 85 7.61 15.94 10.59
CA ALA A 85 8.74 16.58 9.92
C ALA A 85 8.63 16.36 8.39
N PHE A 86 8.37 15.13 7.96
CA PHE A 86 8.25 14.80 6.51
C PHE A 86 7.01 15.50 5.94
N ASP A 87 5.90 15.47 6.65
CA ASP A 87 4.68 16.16 6.19
C ASP A 87 5.03 17.63 5.93
N ASP A 88 5.67 18.31 6.89
CA ASP A 88 5.85 19.79 6.89
C ASP A 88 6.93 20.24 5.87
N HIS A 89 7.94 19.45 5.59
CA HIS A 89 8.97 19.81 4.66
C HIS A 89 8.84 19.24 3.25
N ARG A 90 8.09 18.17 3.06
CA ARG A 90 8.02 17.55 1.74
C ARG A 90 6.67 17.32 1.17
N CYS A 91 5.66 17.43 1.99
CA CYS A 91 4.27 17.08 1.60
C CYS A 91 3.46 18.37 1.52
N ASP A 92 3.51 19.19 2.56
CA ASP A 92 2.55 20.31 2.78
C ASP A 92 3.12 21.66 2.27
N ASN A 93 4.42 21.88 2.31
CA ASN A 93 4.94 23.19 2.04
C ASN A 93 5.97 23.53 1.00
N GLY A 94 6.91 22.65 0.71
CA GLY A 94 7.97 22.98 -0.22
C GLY A 94 7.67 22.90 -1.69
N PRO A 95 8.69 22.81 -2.53
CA PRO A 95 8.43 22.75 -3.97
C PRO A 95 7.55 21.56 -4.37
N LEU A 96 7.68 20.40 -3.73
CA LEU A 96 6.88 19.25 -4.07
C LEU A 96 5.39 19.24 -3.79
N SER A 97 4.92 20.16 -2.97
CA SER A 97 3.50 20.25 -2.51
C SER A 97 2.53 20.60 -3.64
N THR A 98 3.03 20.96 -4.83
CA THR A 98 2.16 21.23 -6.01
C THR A 98 2.80 20.60 -7.22
N ARG A 99 3.69 19.63 -7.00
CA ARG A 99 4.49 18.97 -8.06
C ARG A 99 4.30 17.46 -7.94
N PRO A 100 3.10 16.95 -8.31
CA PRO A 100 2.76 15.55 -8.13
C PRO A 100 3.80 14.64 -8.80
N ALA A 101 4.27 14.99 -10.00
CA ALA A 101 5.21 14.15 -10.78
C ALA A 101 6.48 13.90 -9.96
N GLN A 102 7.04 14.92 -9.34
CA GLN A 102 8.24 14.77 -8.49
C GLN A 102 7.86 14.07 -7.20
N PHE A 103 6.68 14.32 -6.64
CA PHE A 103 6.27 13.66 -5.38
C PHE A 103 6.11 12.15 -5.58
N ASN A 104 5.53 11.74 -6.69
CA ASN A 104 5.31 10.30 -6.96
C ASN A 104 6.66 9.58 -6.89
N ALA A 105 7.75 10.21 -7.33
CA ALA A 105 9.08 9.58 -7.34
C ALA A 105 9.61 9.55 -5.90
N LEU A 106 9.49 10.66 -5.16
CA LEU A 106 9.89 10.67 -3.73
C LEU A 106 9.12 9.58 -2.97
N ALA A 107 7.79 9.51 -3.12
CA ALA A 107 6.93 8.53 -2.40
C ALA A 107 7.47 7.12 -2.68
N GLY A 108 7.90 6.90 -3.91
CA GLY A 108 8.44 5.60 -4.33
C GLY A 108 9.78 5.33 -3.69
N ARG A 109 10.67 6.32 -3.68
CA ARG A 109 12.04 6.16 -3.09
C ARG A 109 11.92 5.96 -1.58
N VAL A 110 11.10 6.74 -0.87
CA VAL A 110 10.95 6.63 0.60
C VAL A 110 10.32 5.27 0.95
N GLN A 111 9.24 4.91 0.27
CA GLN A 111 8.56 3.63 0.53
C GLN A 111 9.59 2.48 0.33
N ARG A 112 10.38 2.49 -0.73
CA ARG A 112 11.37 1.43 -1.00
C ARG A 112 12.40 1.34 0.13
N ALA A 113 12.89 2.48 0.61
CA ALA A 113 13.85 2.58 1.75
C ALA A 113 13.28 1.91 3.00
N LEU A 114 11.97 2.06 3.22
CA LEU A 114 11.26 1.47 4.40
C LEU A 114 11.27 -0.06 4.29
N GLU A 115 11.17 -0.60 3.07
CA GLU A 115 11.01 -2.05 2.80
C GLU A 115 12.37 -2.72 2.54
N ALA A 116 13.37 -1.97 2.17
CA ALA A 116 14.68 -2.48 1.85
C ALA A 116 15.77 -1.76 2.57
N PRO A 117 16.38 -2.40 3.54
CA PRO A 117 17.46 -1.87 4.36
C PRO A 117 18.72 -1.56 3.58
N SER A 118 18.92 -2.22 2.45
CA SER A 118 20.12 -1.98 1.59
C SER A 118 19.94 -0.68 0.77
N ALA A 119 18.73 -0.16 0.70
CA ALA A 119 18.42 1.09 -0.02
C ALA A 119 19.36 2.21 0.46
N GLU A 120 19.77 3.05 -0.47
CA GLU A 120 20.62 4.19 -0.26
C GLU A 120 19.77 5.44 -0.32
N ASP A 121 20.15 6.46 0.41
CA ASP A 121 19.39 7.69 0.50
C ASP A 121 19.22 8.63 -0.67
N ASN A 122 20.26 8.76 -1.47
CA ASN A 122 20.37 9.71 -2.57
C ASN A 122 20.04 11.18 -2.25
N GLY A 123 20.79 11.73 -1.30
CA GLY A 123 20.73 13.11 -0.89
C GLY A 123 19.49 13.45 -0.08
N ASP A 124 18.78 12.43 0.40
CA ASP A 124 17.60 12.68 1.18
C ASP A 124 17.81 12.50 2.65
N ARG A 125 17.64 13.55 3.43
CA ARG A 125 17.98 13.45 4.87
C ARG A 125 16.84 12.76 5.65
N PHE A 126 15.63 12.67 5.08
CA PHE A 126 14.50 11.96 5.72
C PHE A 126 14.75 10.46 5.68
N VAL A 127 15.52 9.96 4.69
CA VAL A 127 15.56 8.49 4.41
C VAL A 127 16.35 7.76 5.50
N PRO A 128 17.60 8.14 5.86
CA PRO A 128 18.34 7.41 6.88
C PRO A 128 17.60 7.36 8.23
N ALA A 129 16.98 8.46 8.63
CA ALA A 129 16.11 8.55 9.83
C ALA A 129 15.00 7.48 9.78
N LEU A 130 14.27 7.39 8.66
CA LEU A 130 13.18 6.39 8.48
C LEU A 130 13.78 4.99 8.60
N GLN A 131 14.98 4.79 8.05
CA GLN A 131 15.60 3.44 8.00
C GLN A 131 15.98 2.99 9.41
N ASP A 132 16.37 3.94 10.27
CA ASP A 132 16.72 3.68 11.69
C ASP A 132 15.44 3.26 12.43
N ILE A 133 14.36 4.02 12.24
CA ILE A 133 13.03 3.65 12.78
C ILE A 133 12.71 2.24 12.30
N ALA A 134 12.81 1.99 11.00
CA ALA A 134 12.48 0.66 10.42
C ALA A 134 13.31 -0.44 11.09
N ARG A 135 14.61 -0.19 11.33
CA ARG A 135 15.54 -1.17 11.93
C ARG A 135 15.03 -1.50 13.34
N ARG A 136 14.66 -0.47 14.08
CA ARG A 136 14.03 -0.65 15.41
C ARG A 136 12.80 -1.56 15.29
N PHE A 137 11.89 -1.29 14.35
CA PHE A 137 10.61 -2.04 14.22
C PHE A 137 10.93 -3.49 13.95
N ARG A 138 11.95 -3.78 13.16
CA ARG A 138 12.33 -5.17 12.80
C ARG A 138 13.04 -5.85 13.98
N SER A 139 13.67 -5.10 14.89
CA SER A 139 14.42 -5.66 16.06
C SER A 139 13.43 -6.34 17.02
N PHE A 140 12.20 -5.85 17.17
CA PHE A 140 11.26 -6.43 18.18
C PHE A 140 9.84 -6.68 17.67
N GLY A 141 9.43 -6.16 16.51
CA GLY A 141 8.13 -6.53 15.92
C GLY A 141 8.26 -7.80 15.10
N THR A 142 7.18 -8.55 14.90
CA THR A 142 7.22 -9.68 13.93
C THR A 142 7.23 -9.15 12.48
N PRO A 143 7.83 -9.92 11.54
CA PRO A 143 7.71 -9.60 10.12
C PRO A 143 6.26 -9.27 9.72
N THR A 144 5.28 -9.96 10.29
CA THR A 144 3.83 -9.70 10.04
C THR A 144 3.50 -8.26 10.45
N GLN A 145 3.90 -7.85 11.65
CA GLN A 145 3.54 -6.50 12.15
C GLN A 145 4.27 -5.44 11.33
N VAL A 146 5.54 -5.69 11.00
CA VAL A 146 6.34 -4.78 10.11
C VAL A 146 5.60 -4.62 8.77
N ARG A 147 5.05 -5.69 8.19
CA ARG A 147 4.38 -5.56 6.87
C ARG A 147 3.09 -4.76 7.05
N ARG A 148 2.38 -4.97 8.15
CA ARG A 148 1.16 -4.18 8.45
C ARG A 148 1.56 -2.70 8.45
N PHE A 149 2.72 -2.36 9.02
CA PHE A 149 3.17 -0.95 9.11
C PHE A 149 3.56 -0.42 7.72
N VAL A 150 4.33 -1.22 6.99
CA VAL A 150 4.83 -0.90 5.63
C VAL A 150 3.61 -0.56 4.75
N HIS A 151 2.58 -1.38 4.81
CA HIS A 151 1.38 -1.25 3.92
C HIS A 151 0.57 0.00 4.33
N ALA A 152 0.48 0.28 5.62
CA ALA A 152 -0.22 1.47 6.16
C ALA A 152 0.51 2.72 5.65
N HIS A 153 1.83 2.65 5.63
CA HIS A 153 2.72 3.68 5.17
C HIS A 153 2.53 4.03 3.70
N ARG A 154 2.44 3.03 2.85
CA ARG A 154 2.21 3.28 1.45
C ARG A 154 0.82 3.87 1.29
N ALA A 155 -0.12 3.44 2.09
CA ALA A 155 -1.51 3.95 2.00
C ALA A 155 -1.52 5.46 2.27
N TRP A 156 -0.77 5.90 3.30
CA TRP A 156 -0.66 7.34 3.68
C TRP A 156 0.01 8.13 2.53
N LEU A 157 1.11 7.62 1.98
CA LEU A 157 1.79 8.28 0.84
C LEU A 157 0.84 8.43 -0.35
N SER A 158 0.04 7.42 -0.71
CA SER A 158 -0.99 7.49 -1.80
C SER A 158 -2.02 8.59 -1.53
N GLY A 159 -2.40 8.79 -0.28
CA GLY A 159 -3.32 9.88 0.08
C GLY A 159 -2.68 11.22 -0.19
N VAL A 160 -1.41 11.39 0.23
CA VAL A 160 -0.64 12.64 0.07
C VAL A 160 -0.49 12.92 -1.44
N ALA A 161 -0.16 11.91 -2.23
CA ALA A 161 0.01 12.01 -3.70
C ALA A 161 -1.28 12.52 -4.32
N TRP A 162 -2.43 11.96 -3.92
CA TRP A 162 -3.80 12.41 -4.31
C TRP A 162 -3.99 13.88 -3.93
N GLN A 163 -3.73 14.20 -2.67
CA GLN A 163 -3.86 15.59 -2.16
C GLN A 163 -3.03 16.57 -3.01
N ILE A 164 -1.74 16.33 -3.17
CA ILE A 164 -0.78 17.17 -3.95
C ILE A 164 -1.27 17.30 -5.41
N GLY A 165 -1.80 16.22 -6.00
CA GLY A 165 -2.42 16.20 -7.33
C GLY A 165 -3.57 17.21 -7.38
N ASN A 166 -4.45 17.18 -6.37
CA ASN A 166 -5.61 18.11 -6.26
C ASN A 166 -5.10 19.56 -6.21
N GLN A 167 -4.05 19.80 -5.42
CA GLN A 167 -3.45 21.14 -5.19
C GLN A 167 -2.87 21.69 -6.50
N ALA A 168 -2.05 20.92 -7.22
CA ALA A 168 -1.44 21.37 -8.49
C ALA A 168 -2.56 21.88 -9.40
N ARG A 169 -3.71 21.18 -9.43
CA ARG A 169 -4.85 21.49 -10.34
C ARG A 169 -5.77 22.57 -9.74
N GLY A 170 -5.65 22.91 -8.45
CA GLY A 170 -6.66 23.75 -7.75
C GLY A 170 -8.01 23.09 -7.76
N HIS A 171 -8.03 21.75 -7.70
CA HIS A 171 -9.29 20.95 -7.61
C HIS A 171 -9.67 20.75 -6.15
N MET A 172 -10.89 21.15 -5.81
CA MET A 172 -11.48 20.97 -4.47
C MET A 172 -12.34 19.71 -4.52
N PRO A 173 -11.91 18.58 -3.87
CA PRO A 173 -12.64 17.33 -3.97
C PRO A 173 -14.02 17.52 -3.34
N GLY A 174 -15.03 16.79 -3.84
CA GLY A 174 -16.33 16.66 -3.17
C GLY A 174 -16.18 15.91 -1.84
N LEU A 175 -17.27 15.78 -1.09
CA LEU A 175 -17.24 15.13 0.23
C LEU A 175 -16.69 13.70 0.14
N ASP A 176 -17.18 12.93 -0.82
CA ASP A 176 -16.83 11.49 -0.95
C ASP A 176 -15.32 11.32 -1.17
N ASP A 177 -14.77 12.00 -2.17
CA ASP A 177 -13.30 11.99 -2.50
C ASP A 177 -12.48 12.56 -1.32
N TYR A 178 -12.91 13.65 -0.68
CA TYR A 178 -12.19 14.28 0.43
C TYR A 178 -12.03 13.29 1.59
N LEU A 179 -13.10 12.60 1.99
CA LEU A 179 -13.06 11.66 3.13
C LEU A 179 -12.21 10.45 2.74
N ALA A 180 -12.36 9.95 1.52
CA ALA A 180 -11.50 8.85 1.01
C ALA A 180 -10.02 9.28 1.07
N MET A 181 -9.72 10.49 0.60
CA MET A 181 -8.34 10.98 0.45
C MET A 181 -7.73 11.19 1.84
N ARG A 182 -8.46 11.87 2.69
CA ARG A 182 -8.01 12.36 4.01
C ARG A 182 -7.88 11.17 4.97
N LEU A 183 -8.66 10.13 4.77
CA LEU A 183 -8.52 8.85 5.50
C LEU A 183 -7.05 8.43 5.39
N LEU A 184 -6.44 8.70 4.24
CA LEU A 184 -5.05 8.31 3.94
C LEU A 184 -4.06 9.43 4.29
N SER A 185 -4.31 10.66 3.82
CA SER A 185 -3.31 11.76 3.73
C SER A 185 -3.00 12.33 5.11
N ALA A 186 -3.88 12.16 6.08
CA ALA A 186 -3.68 12.69 7.46
C ALA A 186 -2.74 11.79 8.28
N GLY A 187 -2.29 10.62 7.80
CA GLY A 187 -1.24 9.82 8.50
C GLY A 187 -1.74 8.87 9.60
N GLY A 188 -3.05 8.61 9.64
CA GLY A 188 -3.71 7.78 10.66
C GLY A 188 -3.45 6.30 10.43
N GLU A 189 -3.31 5.85 9.19
CA GLU A 189 -3.09 4.40 8.90
C GLU A 189 -1.80 3.95 9.58
N PRO A 190 -0.62 4.52 9.24
CA PRO A 190 0.64 4.11 9.85
C PRO A 190 0.74 4.48 11.34
N THR A 191 0.05 5.53 11.81
CA THR A 191 -0.02 5.87 13.25
C THR A 191 -0.67 4.73 14.04
N PHE A 192 -1.85 4.29 13.62
CA PHE A 192 -2.66 3.27 14.29
C PHE A 192 -2.00 1.89 14.13
N ALA A 193 -1.30 1.68 13.01
CA ALA A 193 -0.63 0.39 12.71
C ALA A 193 0.60 0.21 13.62
N MET A 194 1.04 1.25 14.33
CA MET A 194 2.15 1.12 15.33
C MET A 194 1.65 0.71 16.72
N LEU A 195 0.36 0.60 16.98
CA LEU A 195 -0.14 0.19 18.28
C LEU A 195 0.39 -1.16 18.74
N GLU A 196 0.30 -2.13 17.89
CA GLU A 196 0.75 -3.48 18.07
C GLU A 196 2.23 -3.55 18.37
N ILE A 197 2.97 -2.72 17.69
CA ILE A 197 4.45 -2.62 17.80
C ILE A 197 4.79 -2.02 19.16
N ALA A 198 4.12 -1.00 19.61
CA ALA A 198 4.44 -0.41 20.88
C ALA A 198 4.17 -1.33 22.05
N THR A 199 3.03 -1.96 21.93
CA THR A 199 2.38 -2.83 22.85
C THR A 199 2.89 -4.28 22.93
N GLY A 200 3.32 -4.84 21.81
CA GLY A 200 3.79 -6.21 21.76
C GLY A 200 2.72 -7.25 21.60
N ALA A 201 1.49 -6.84 21.70
CA ALA A 201 0.31 -7.72 21.60
C ALA A 201 0.02 -8.02 20.12
N GLU A 202 0.65 -9.04 19.51
CA GLU A 202 0.43 -9.43 18.08
C GLU A 202 -1.02 -9.89 17.82
N VAL A 203 -1.81 -9.14 17.03
CA VAL A 203 -3.21 -9.52 16.69
C VAL A 203 -3.17 -10.54 15.56
N PRO A 204 -3.78 -11.69 15.72
CA PRO A 204 -3.78 -12.67 14.64
C PRO A 204 -4.48 -12.16 13.39
N ASP A 205 -3.99 -12.52 12.22
CA ASP A 205 -4.57 -12.12 10.93
C ASP A 205 -6.10 -12.24 10.87
N ARG A 206 -6.63 -13.36 11.29
CA ARG A 206 -8.04 -13.62 11.26
C ARG A 206 -8.85 -12.64 12.08
N GLU A 207 -8.24 -12.04 13.07
CA GLU A 207 -8.92 -11.02 13.91
C GLU A 207 -8.62 -9.66 13.30
N MET A 208 -7.40 -9.39 12.95
CA MET A 208 -7.03 -8.11 12.40
C MET A 208 -7.74 -7.77 11.12
N HIS A 209 -7.91 -8.73 10.25
CA HIS A 209 -8.52 -8.51 8.95
C HIS A 209 -10.04 -8.62 8.81
N ARG A 210 -10.70 -8.99 9.89
CA ARG A 210 -12.17 -8.95 10.05
C ARG A 210 -12.68 -7.60 9.54
N PRO A 211 -13.62 -7.61 8.56
CA PRO A 211 -14.23 -6.37 8.08
C PRO A 211 -14.60 -5.41 9.25
N ALA A 212 -15.12 -5.95 10.37
CA ALA A 212 -15.60 -5.15 11.51
C ALA A 212 -14.46 -4.35 12.12
N VAL A 213 -13.29 -4.97 12.25
CA VAL A 213 -12.07 -4.38 12.86
C VAL A 213 -11.45 -3.39 11.87
N ARG A 214 -11.43 -3.75 10.60
CA ARG A 214 -11.01 -2.82 9.53
C ARG A 214 -11.87 -1.56 9.62
N ALA A 215 -13.19 -1.69 9.74
CA ALA A 215 -14.11 -0.53 9.79
C ALA A 215 -13.87 0.28 11.07
N LEU A 216 -13.63 -0.38 12.19
CA LEU A 216 -13.36 0.35 13.47
C LEU A 216 -12.07 1.13 13.29
N THR A 217 -11.10 0.57 12.57
CA THR A 217 -9.79 1.21 12.37
C THR A 217 -9.99 2.45 11.47
N GLU A 218 -10.70 2.28 10.36
CA GLU A 218 -11.00 3.40 9.44
C GLU A 218 -11.74 4.49 10.21
N MET A 219 -12.67 4.13 11.08
CA MET A 219 -13.51 5.12 11.78
C MET A 219 -12.62 5.89 12.74
N ALA A 220 -11.76 5.17 13.45
CA ALA A 220 -10.82 5.80 14.38
C ALA A 220 -10.00 6.82 13.61
N ILE A 221 -9.52 6.41 12.43
CA ILE A 221 -8.62 7.24 11.56
C ILE A 221 -9.38 8.46 11.07
N MET A 222 -10.65 8.29 10.68
CA MET A 222 -11.48 9.35 10.07
C MET A 222 -11.82 10.38 11.15
N VAL A 223 -12.08 9.97 12.39
CA VAL A 223 -12.40 10.93 13.48
C VAL A 223 -11.13 11.73 13.80
N ALA A 224 -9.98 11.05 13.92
CA ALA A 224 -8.67 11.70 14.19
C ALA A 224 -8.34 12.70 13.09
N ALA A 225 -8.54 12.32 11.83
CA ALA A 225 -8.34 13.19 10.65
C ALA A 225 -9.22 14.46 10.78
N LEU A 226 -10.48 14.31 11.08
CA LEU A 226 -11.45 15.45 11.13
C LEU A 226 -11.18 16.26 12.40
N ASP A 227 -10.73 15.61 13.48
CA ASP A 227 -10.22 16.35 14.66
C ASP A 227 -9.00 17.16 14.22
N ASN A 228 -8.11 16.60 13.39
CA ASN A 228 -6.93 17.36 12.89
C ASN A 228 -7.41 18.51 11.97
N ASP A 229 -8.45 18.36 11.13
CA ASP A 229 -8.93 19.50 10.31
C ASP A 229 -9.41 20.63 11.24
N ARG A 230 -10.02 20.28 12.37
CA ARG A 230 -10.57 21.26 13.35
C ARG A 230 -9.39 22.03 13.94
N HIS A 231 -8.38 21.32 14.46
CA HIS A 231 -7.13 21.86 15.05
C HIS A 231 -6.53 22.94 14.14
N SER A 232 -6.56 22.75 12.81
CA SER A 232 -6.09 23.72 11.78
C SER A 232 -7.19 24.73 11.40
N LEU A 233 -7.73 25.51 12.33
CA LEU A 233 -8.83 26.48 12.01
C LEU A 233 -8.96 27.52 13.12
N THR A 242 -9.49 27.34 -0.53
CA THR A 242 -8.25 26.97 -1.30
C THR A 242 -7.60 25.70 -0.72
N ASP A 243 -7.36 25.67 0.60
CA ASP A 243 -6.76 24.52 1.34
C ASP A 243 -7.77 23.36 1.33
N GLN A 244 -7.31 22.13 1.13
CA GLN A 244 -8.20 20.95 1.11
C GLN A 244 -8.41 20.52 2.56
N ASN A 245 -9.54 20.90 3.15
CA ASN A 245 -9.95 20.50 4.53
C ASN A 245 -11.47 20.39 4.46
N ILE A 246 -12.10 19.79 5.47
CA ILE A 246 -13.56 19.51 5.47
C ILE A 246 -14.34 20.81 5.27
N TYR A 247 -13.87 21.89 5.89
CA TYR A 247 -14.54 23.21 5.86
C TYR A 247 -14.56 23.75 4.43
N SER A 248 -13.43 23.80 3.74
CA SER A 248 -13.36 24.33 2.35
C SER A 248 -14.22 23.44 1.44
N VAL A 249 -14.26 22.13 1.71
CA VAL A 249 -15.01 21.17 0.87
C VAL A 249 -16.52 21.48 0.98
N LEU A 250 -17.05 21.62 2.19
CA LEU A 250 -18.49 21.92 2.41
C LEU A 250 -18.82 23.32 1.89
N MET A 251 -17.96 24.32 2.12
CA MET A 251 -18.19 25.70 1.60
C MET A 251 -18.31 25.68 0.08
N HIS A 252 -17.39 24.99 -0.61
CA HIS A 252 -17.38 24.90 -2.10
C HIS A 252 -18.56 24.07 -2.60
N HIS A 253 -18.80 22.87 -2.06
CA HIS A 253 -19.74 21.89 -2.69
C HIS A 253 -21.20 22.10 -2.23
N ARG A 254 -21.43 22.69 -1.05
CA ARG A 254 -22.79 22.93 -0.53
C ARG A 254 -23.09 24.43 -0.46
N GLY A 255 -22.21 25.31 -0.96
CA GLY A 255 -22.34 26.77 -0.84
C GLY A 255 -22.64 27.22 0.59
N MET A 256 -21.95 26.65 1.58
CA MET A 256 -22.14 27.04 3.00
C MET A 256 -21.19 28.20 3.34
N SER A 257 -21.62 29.05 4.28
CA SER A 257 -20.72 29.93 5.07
C SER A 257 -19.74 29.03 5.85
N LEU A 258 -18.63 29.62 6.28
CA LEU A 258 -17.66 28.96 7.15
C LEU A 258 -18.42 28.47 8.38
N GLN A 259 -19.25 29.32 8.98
CA GLN A 259 -19.99 28.96 10.22
C GLN A 259 -20.88 27.74 9.97
N GLU A 260 -21.66 27.71 8.87
CA GLU A 260 -22.53 26.54 8.53
C GLU A 260 -21.65 25.29 8.30
N ALA A 261 -20.54 25.42 7.57
CA ALA A 261 -19.58 24.31 7.32
C ALA A 261 -19.02 23.80 8.65
N VAL A 262 -18.64 24.67 9.59
CA VAL A 262 -18.08 24.24 10.91
C VAL A 262 -19.12 23.35 11.62
N GLU A 263 -20.40 23.75 11.59
CA GLU A 263 -21.53 23.02 12.21
C GLU A 263 -21.80 21.71 11.45
N GLU A 264 -21.89 21.75 10.12
CA GLU A 264 -22.05 20.53 9.30
C GLU A 264 -20.90 19.55 9.60
N ALA A 265 -19.67 20.05 9.69
CA ALA A 265 -18.48 19.19 9.88
C ALA A 265 -18.58 18.47 11.22
N THR A 266 -18.99 19.18 12.28
CA THR A 266 -19.04 18.61 13.65
C THR A 266 -20.10 17.51 13.64
N LYS A 267 -21.19 17.75 12.93
CA LYS A 267 -22.25 16.82 12.79
C LYS A 267 -21.82 15.52 12.16
N LEU A 268 -21.21 15.58 11.01
CA LEU A 268 -20.80 14.37 10.36
C LEU A 268 -19.68 13.60 11.11
N ARG A 269 -18.81 14.32 11.77
CA ARG A 269 -17.66 13.74 12.54
C ARG A 269 -18.26 13.00 13.74
N ASP A 270 -19.23 13.62 14.40
CA ASP A 270 -19.93 13.04 15.57
C ASP A 270 -20.72 11.79 15.12
N ARG A 271 -21.35 11.83 13.94
CA ARG A 271 -22.08 10.66 13.43
C ARG A 271 -21.08 9.49 13.29
N ILE A 272 -19.88 9.73 12.78
CA ILE A 272 -18.87 8.66 12.55
C ILE A 272 -18.38 8.14 13.91
N LEU A 273 -18.16 9.01 14.90
CA LEU A 273 -17.73 8.54 16.24
C LEU A 273 -18.83 7.68 16.89
N LEU A 274 -20.10 8.05 16.76
CA LEU A 274 -21.25 7.24 17.26
C LEU A 274 -21.28 5.85 16.61
N ARG A 275 -21.08 5.77 15.29
CA ARG A 275 -21.04 4.44 14.65
C ARG A 275 -19.82 3.68 15.19
N PHE A 276 -18.70 4.34 15.39
CA PHE A 276 -17.54 3.66 15.94
C PHE A 276 -17.84 3.09 17.33
N LEU A 277 -18.49 3.84 18.19
CA LEU A 277 -18.82 3.39 19.51
C LEU A 277 -19.79 2.23 19.47
N GLU A 278 -20.78 2.33 18.59
CA GLU A 278 -21.74 1.29 18.42
C GLU A 278 -21.09 0.01 17.93
N LEU A 279 -20.29 0.05 16.87
CA LEU A 279 -19.61 -1.18 16.38
C LEU A 279 -18.65 -1.72 17.44
N HIS A 280 -17.98 -0.83 18.16
CA HIS A 280 -16.97 -1.23 19.18
C HIS A 280 -17.67 -2.10 20.24
N ASP A 281 -18.86 -1.68 20.68
CA ASP A 281 -19.61 -2.35 21.77
C ASP A 281 -20.08 -3.73 21.30
N ARG A 282 -20.29 -3.94 19.99
CA ARG A 282 -20.73 -5.25 19.44
C ARG A 282 -19.53 -6.19 19.33
N VAL A 283 -18.34 -5.65 19.03
CA VAL A 283 -17.12 -6.45 18.72
C VAL A 283 -16.36 -6.77 20.01
N ARG A 284 -16.34 -5.85 20.96
CA ARG A 284 -15.40 -5.92 22.11
C ARG A 284 -15.68 -7.17 22.96
N PRO A 285 -16.93 -7.51 23.30
CA PRO A 285 -17.21 -8.63 24.22
C PRO A 285 -16.55 -9.96 23.82
N GLY A 286 -16.56 -10.26 22.52
CA GLY A 286 -16.02 -11.53 21.97
C GLY A 286 -14.53 -11.47 21.67
N ALA A 287 -13.94 -10.28 21.60
CA ALA A 287 -12.52 -10.07 21.26
C ALA A 287 -11.59 -10.87 22.19
N GLY A 288 -10.59 -11.53 21.62
CA GLY A 288 -9.47 -12.06 22.41
C GLY A 288 -8.59 -10.93 22.96
N ALA A 289 -7.58 -11.28 23.75
CA ALA A 289 -6.77 -10.37 24.59
C ALA A 289 -5.98 -9.36 23.71
N GLU A 290 -5.38 -9.83 22.63
CA GLU A 290 -4.57 -8.99 21.70
C GLU A 290 -5.50 -8.02 20.95
N LEU A 291 -6.66 -8.49 20.46
CA LEU A 291 -7.59 -7.63 19.67
C LEU A 291 -8.18 -6.61 20.64
N SER A 292 -8.47 -7.03 21.88
CA SER A 292 -9.00 -6.13 22.93
C SER A 292 -8.02 -4.98 23.16
N THR A 293 -6.73 -5.28 23.31
CA THR A 293 -5.66 -4.29 23.52
C THR A 293 -5.65 -3.30 22.34
N TYR A 294 -5.57 -3.81 21.13
CA TYR A 294 -5.64 -3.04 19.85
C TYR A 294 -6.86 -2.09 19.92
N LEU A 295 -8.05 -2.64 20.16
CA LEU A 295 -9.27 -1.84 20.26
C LEU A 295 -9.12 -0.70 21.25
N GLN A 296 -8.60 -1.01 22.44
CA GLN A 296 -8.38 -0.01 23.48
C GLN A 296 -7.52 1.10 22.91
N GLY A 297 -6.51 0.68 22.14
CA GLY A 297 -5.58 1.61 21.47
C GLY A 297 -6.31 2.57 20.53
N LEU A 298 -7.20 2.05 19.69
CA LEU A 298 -8.01 2.93 18.80
C LEU A 298 -8.71 3.98 19.67
N ARG A 299 -9.34 3.56 20.77
CA ARG A 299 -10.09 4.48 21.66
C ARG A 299 -9.11 5.51 22.24
N HIS A 300 -7.99 5.04 22.81
CA HIS A 300 -6.94 5.90 23.42
C HIS A 300 -6.41 6.87 22.38
N GLY A 301 -6.19 6.38 21.16
CA GLY A 301 -5.72 7.16 20.00
C GLY A 301 -6.68 8.29 19.64
N ILE A 302 -7.98 8.00 19.44
CA ILE A 302 -9.00 9.03 19.06
C ILE A 302 -8.95 10.15 20.10
N ARG A 303 -9.12 9.79 21.37
CA ARG A 303 -9.10 10.74 22.52
C ARG A 303 -7.76 11.47 22.59
N GLY A 304 -6.66 10.73 22.53
CA GLY A 304 -5.30 11.30 22.63
C GLY A 304 -5.01 12.26 21.50
N ASN A 305 -5.33 11.88 20.26
CA ASN A 305 -5.28 12.82 19.12
C ASN A 305 -6.05 14.10 19.44
N ALA A 306 -7.29 14.00 19.90
CA ALA A 306 -8.11 15.20 20.17
C ALA A 306 -7.47 16.03 21.31
N GLU A 307 -7.02 15.37 22.35
CA GLU A 307 -6.55 16.02 23.61
C GLU A 307 -5.20 16.67 23.34
N TRP A 308 -4.25 15.92 22.75
CA TRP A 308 -2.93 16.48 22.37
C TRP A 308 -3.14 17.74 21.50
N GLY A 309 -4.09 17.70 20.56
CA GLY A 309 -4.54 18.86 19.77
C GLY A 309 -4.84 20.10 20.60
N LEU A 310 -5.62 19.97 21.69
CA LEU A 310 -6.02 21.14 22.53
C LEU A 310 -4.91 21.60 23.50
N ARG A 311 -3.72 20.98 23.53
CA ARG A 311 -2.55 21.35 24.38
C ARG A 311 -1.25 21.47 23.54
N ASP A 327 -1.79 21.14 31.20
CA ASP A 327 -2.06 21.53 32.61
C ASP A 327 -3.56 21.85 32.75
N ALA A 328 -4.04 22.91 32.08
CA ALA A 328 -5.36 23.57 32.24
C ALA A 328 -6.52 22.58 32.06
N PRO A 329 -7.64 22.76 32.80
CA PRO A 329 -8.86 22.01 32.53
C PRO A 329 -9.34 22.20 31.08
N LEU A 330 -9.63 21.09 30.39
CA LEU A 330 -10.30 21.05 29.06
C LEU A 330 -11.81 20.84 29.29
N THR A 331 -12.63 21.50 28.46
CA THR A 331 -14.09 21.25 28.33
C THR A 331 -14.32 20.33 27.12
N TRP A 332 -15.15 19.31 27.32
CA TRP A 332 -15.67 18.41 26.27
C TRP A 332 -17.19 18.54 26.16
N ALA A 333 -17.74 18.34 24.95
CA ALA A 333 -19.18 18.19 24.68
C ALA A 333 -19.65 16.90 25.35
N GLU A 334 -20.80 16.95 26.01
CA GLU A 334 -21.40 15.81 26.74
C GLU A 334 -22.24 14.96 25.78
N SER A 335 -22.82 15.57 24.74
CA SER A 335 -23.68 14.90 23.73
C SER A 335 -23.10 15.10 22.33
N PRO A 336 -23.37 14.17 21.39
CA PRO A 336 -23.06 14.39 19.97
C PRO A 336 -24.00 15.44 19.36
N SER A 337 -23.56 16.15 18.33
CA SER A 337 -24.32 17.22 17.65
C SER A 337 -25.30 16.60 16.64
N ASP A 338 -25.15 15.31 16.37
CA ASP A 338 -26.01 14.58 15.41
C ASP A 338 -26.00 13.12 15.85
N SER A 339 -27.15 12.49 15.95
CA SER A 339 -27.23 11.13 16.40
C SER A 339 -27.73 10.15 15.39
N SER A 340 -27.82 10.51 14.14
CA SER A 340 -28.30 9.58 13.14
C SER A 340 -27.43 8.37 13.06
N PRO A 341 -28.05 7.20 13.00
CA PRO A 341 -27.44 5.89 12.92
C PRO A 341 -27.29 5.33 11.51
N SER A 342 -27.41 6.15 10.49
CA SER A 342 -27.24 5.63 9.17
C SER A 342 -26.01 6.22 8.50
N PRO A 343 -25.66 5.75 7.33
CA PRO A 343 -24.56 6.35 6.61
C PRO A 343 -24.76 7.83 6.31
N LEU A 344 -23.66 8.52 6.26
CA LEU A 344 -23.60 9.90 5.93
C LEU A 344 -23.99 10.20 4.49
N PRO A 345 -24.94 11.11 4.30
CA PRO A 345 -25.28 11.60 2.98
C PRO A 345 -24.09 12.10 2.17
N GLY A 346 -24.01 11.65 0.92
CA GLY A 346 -23.05 12.15 -0.06
C GLY A 346 -21.68 11.51 0.07
N ALA A 347 -21.53 10.45 0.87
CA ALA A 347 -20.23 9.76 1.06
C ALA A 347 -20.42 8.24 0.97
N PRO A 348 -20.86 7.74 -0.21
CA PRO A 348 -21.01 6.29 -0.43
C PRO A 348 -19.78 5.45 -0.07
N SER A 349 -18.56 6.00 -0.17
CA SER A 349 -17.29 5.25 0.03
C SER A 349 -17.19 4.79 1.48
N ILE A 350 -17.96 5.37 2.40
CA ILE A 350 -17.85 4.96 3.84
C ILE A 350 -19.14 4.29 4.32
N ALA A 351 -20.16 4.16 3.48
CA ALA A 351 -21.50 3.64 3.87
C ALA A 351 -21.35 2.20 4.39
N TRP A 352 -20.38 1.46 3.88
CA TRP A 352 -20.19 0.05 4.34
C TRP A 352 -19.80 0.00 5.83
N TRP A 353 -19.38 1.11 6.45
CA TRP A 353 -19.15 1.07 7.93
C TRP A 353 -20.43 0.74 8.70
N TRP A 354 -21.60 0.97 8.11
CA TRP A 354 -22.94 0.80 8.76
C TRP A 354 -23.63 -0.49 8.31
N ASP A 355 -22.99 -1.31 7.46
CA ASP A 355 -23.56 -2.54 6.85
C ASP A 355 -23.15 -3.75 7.71
N ASP A 356 -23.93 -4.13 8.70
CA ASP A 356 -23.54 -5.19 9.69
C ASP A 356 -23.45 -6.58 9.04
N ALA A 357 -24.19 -6.81 7.96
CA ALA A 357 -24.16 -8.11 7.26
C ALA A 357 -22.79 -8.30 6.60
N LEU A 358 -22.20 -7.20 6.16
CA LEU A 358 -20.88 -7.18 5.48
C LEU A 358 -19.75 -7.27 6.52
N LEU A 359 -20.02 -6.88 7.77
CA LEU A 359 -19.08 -6.77 8.91
C LEU A 359 -19.24 -7.97 9.87
N LEU B 10 17.00 -10.26 -28.40
CA LEU B 10 17.72 -11.12 -29.39
C LEU B 10 17.93 -12.51 -28.76
N PRO B 11 18.72 -12.68 -27.67
CA PRO B 11 19.13 -14.02 -27.22
C PRO B 11 18.05 -14.84 -26.51
N PRO B 12 18.13 -16.19 -26.50
CA PRO B 12 17.03 -17.02 -26.00
C PRO B 12 17.03 -16.99 -24.46
N ILE B 13 15.84 -17.09 -23.86
CA ILE B 13 15.61 -16.82 -22.41
C ILE B 13 16.09 -18.02 -21.58
N TYR B 14 16.91 -17.78 -20.54
CA TYR B 14 17.23 -18.72 -19.43
C TYR B 14 15.98 -18.85 -18.52
N CYS B 15 15.35 -20.03 -18.45
CA CYS B 15 14.17 -20.27 -17.57
C CYS B 15 13.99 -21.75 -17.26
N PRO B 16 14.84 -22.35 -16.40
CA PRO B 16 14.77 -23.77 -16.07
C PRO B 16 13.72 -23.99 -14.98
N LEU B 17 12.46 -23.69 -15.31
CA LEU B 17 11.33 -23.71 -14.36
C LEU B 17 10.21 -24.52 -15.01
N GLU B 18 9.27 -24.97 -14.20
CA GLU B 18 8.18 -25.88 -14.63
C GLU B 18 7.16 -25.10 -15.49
N SER B 19 6.78 -25.71 -16.61
CA SER B 19 5.78 -25.17 -17.56
C SER B 19 4.55 -26.02 -17.42
N ALA B 20 3.41 -25.43 -17.04
CA ALA B 20 2.13 -26.19 -17.08
C ALA B 20 0.98 -25.19 -17.18
N ILE B 21 -0.17 -25.67 -17.60
CA ILE B 21 -1.36 -24.81 -17.81
C ILE B 21 -2.58 -25.59 -17.39
N HIS B 22 -3.48 -24.90 -16.68
CA HIS B 22 -4.75 -25.47 -16.19
C HIS B 22 -5.41 -26.23 -17.34
N PRO B 23 -5.92 -27.43 -17.07
CA PRO B 23 -6.59 -28.24 -18.09
C PRO B 23 -7.95 -27.70 -18.52
N ARG B 24 -8.58 -26.86 -17.70
CA ARG B 24 -9.90 -26.23 -17.95
C ARG B 24 -9.74 -24.78 -18.46
N VAL B 25 -8.54 -24.39 -18.90
CA VAL B 25 -8.19 -23.05 -19.45
C VAL B 25 -9.21 -22.60 -20.51
N HIS B 26 -9.62 -23.45 -21.44
CA HIS B 26 -10.50 -23.04 -22.58
C HIS B 26 -11.91 -22.70 -22.06
N GLU B 27 -12.37 -23.39 -21.02
CA GLU B 27 -13.68 -23.20 -20.36
C GLU B 27 -13.68 -21.89 -19.57
N VAL B 28 -12.60 -21.62 -18.82
CA VAL B 28 -12.38 -20.33 -18.10
C VAL B 28 -12.36 -19.20 -19.12
N GLU B 29 -11.61 -19.35 -20.19
CA GLU B 29 -11.51 -18.32 -21.18
C GLU B 29 -12.86 -17.93 -21.77
N LYS B 30 -13.70 -18.90 -22.01
CA LYS B 30 -15.02 -18.68 -22.54
C LYS B 30 -15.82 -17.81 -21.62
N ARG B 31 -15.80 -18.13 -20.35
CA ARG B 31 -16.53 -17.36 -19.42
C ARG B 31 -15.96 -15.97 -19.28
N ALA B 32 -14.66 -15.85 -19.38
CA ALA B 32 -13.97 -14.54 -19.23
C ALA B 32 -14.27 -13.63 -20.43
N VAL B 33 -14.30 -14.18 -21.65
CA VAL B 33 -14.70 -13.41 -22.87
C VAL B 33 -16.12 -12.87 -22.63
N GLU B 34 -17.01 -13.70 -22.09
CA GLU B 34 -18.40 -13.31 -21.76
C GLU B 34 -18.37 -12.11 -20.79
N TRP B 35 -17.66 -12.24 -19.66
CA TRP B 35 -17.58 -11.17 -18.64
C TRP B 35 -17.01 -9.89 -19.25
N ILE B 36 -15.96 -9.98 -20.06
CA ILE B 36 -15.35 -8.79 -20.71
C ILE B 36 -16.42 -8.03 -21.51
N ARG B 37 -17.26 -8.76 -22.26
CA ARG B 37 -18.29 -8.19 -23.16
C ARG B 37 -19.36 -7.45 -22.36
N ARG B 38 -19.74 -7.98 -21.19
CA ARG B 38 -20.86 -7.49 -20.30
C ARG B 38 -20.38 -6.56 -19.18
N SER B 39 -19.08 -6.20 -19.15
CA SER B 39 -18.37 -5.57 -17.99
C SER B 39 -18.44 -4.03 -18.00
N GLY B 40 -18.67 -3.44 -19.16
CA GLY B 40 -18.73 -2.01 -19.34
C GLY B 40 -17.38 -1.33 -19.40
N MET B 41 -16.34 -2.11 -19.28
CA MET B 41 -15.02 -1.57 -19.23
C MET B 41 -14.51 -1.18 -20.59
N CYS B 42 -15.25 -1.56 -21.62
CA CYS B 42 -14.85 -1.33 -23.03
C CYS B 42 -15.95 -0.55 -23.78
N ALA B 43 -15.57 0.57 -24.41
CA ALA B 43 -16.45 1.49 -25.16
C ALA B 43 -16.99 0.79 -26.41
N SER B 44 -16.10 0.43 -27.34
CA SER B 44 -16.41 -0.12 -28.68
C SER B 44 -15.98 -1.60 -28.79
N GLU B 45 -16.51 -2.27 -29.81
CA GLU B 45 -16.13 -3.66 -30.22
C GLU B 45 -14.61 -3.77 -30.32
N GLU B 46 -13.97 -2.81 -30.98
CA GLU B 46 -12.51 -2.76 -31.19
C GLU B 46 -11.76 -2.93 -29.85
N GLU B 47 -12.17 -2.21 -28.81
CA GLU B 47 -11.46 -2.19 -27.51
C GLU B 47 -11.66 -3.54 -26.79
N ARG B 48 -12.83 -4.17 -26.91
CA ARG B 48 -13.14 -5.50 -26.31
C ARG B 48 -12.30 -6.61 -26.95
N ALA B 49 -12.08 -6.55 -28.27
CA ALA B 49 -11.25 -7.49 -29.05
C ALA B 49 -9.79 -7.38 -28.60
N TRP B 50 -9.32 -6.15 -28.36
CA TRP B 50 -7.94 -5.89 -27.89
C TRP B 50 -7.72 -6.55 -26.51
N VAL B 51 -8.73 -6.46 -25.62
CA VAL B 51 -8.72 -6.99 -24.23
C VAL B 51 -8.74 -8.52 -24.33
N ILE B 52 -9.74 -9.06 -25.03
CA ILE B 52 -9.84 -10.51 -25.36
C ILE B 52 -8.53 -11.02 -25.96
N ALA B 53 -7.84 -10.24 -26.79
CA ALA B 53 -6.62 -10.70 -27.51
C ALA B 53 -5.39 -10.74 -26.58
N THR B 54 -5.51 -10.29 -25.33
CA THR B 54 -4.40 -10.37 -24.33
C THR B 54 -4.18 -11.84 -23.97
N HIS B 55 -5.21 -12.67 -24.12
CA HIS B 55 -5.27 -14.10 -23.73
C HIS B 55 -4.87 -14.21 -22.25
N SER B 56 -5.52 -13.43 -21.39
CA SER B 56 -5.15 -13.34 -19.95
C SER B 56 -5.57 -14.63 -19.23
N ALA B 57 -6.63 -15.31 -19.66
CA ALA B 57 -7.01 -16.61 -19.07
C ALA B 57 -5.87 -17.61 -19.31
N ASP B 58 -5.27 -17.60 -20.50
CA ASP B 58 -4.15 -18.49 -20.88
C ASP B 58 -2.96 -18.13 -19.99
N PHE B 59 -2.69 -16.85 -19.86
CA PHE B 59 -1.63 -16.36 -19.04
C PHE B 59 -1.78 -16.84 -17.58
N PHE B 60 -2.90 -16.57 -16.94
CA PHE B 60 -3.09 -16.94 -15.57
C PHE B 60 -3.27 -18.44 -15.27
N ALA B 61 -3.76 -19.18 -16.23
CA ALA B 61 -3.90 -20.61 -16.13
C ALA B 61 -2.53 -21.26 -15.97
N ARG B 62 -1.49 -20.54 -16.32
CA ARG B 62 -0.09 -21.00 -16.20
C ARG B 62 0.47 -20.74 -14.81
N PHE B 63 -0.15 -19.82 -14.07
CA PHE B 63 0.24 -19.44 -12.71
C PHE B 63 -0.36 -20.46 -11.71
N ALA B 64 -1.61 -20.86 -11.94
CA ALA B 64 -2.38 -21.76 -11.05
C ALA B 64 -2.91 -22.95 -11.84
N PRO B 65 -2.02 -23.81 -12.40
CA PRO B 65 -2.46 -24.86 -13.34
C PRO B 65 -3.23 -26.02 -12.72
N THR B 66 -3.35 -26.09 -11.38
CA THR B 66 -4.14 -27.14 -10.72
C THR B 66 -5.24 -26.55 -9.82
N ALA B 67 -5.56 -25.25 -9.97
CA ALA B 67 -6.60 -24.62 -9.13
C ALA B 67 -7.84 -25.53 -9.18
N ALA B 68 -8.30 -26.01 -8.01
CA ALA B 68 -9.44 -26.96 -7.91
C ALA B 68 -10.75 -26.29 -8.33
N ASP B 69 -10.92 -25.00 -8.03
CA ASP B 69 -12.20 -24.28 -8.31
C ASP B 69 -12.03 -23.45 -9.58
N GLU B 70 -12.75 -23.81 -10.61
CA GLU B 70 -12.79 -23.10 -11.85
C GLU B 70 -13.21 -21.64 -11.66
N ASP B 71 -14.14 -21.42 -10.75
CA ASP B 71 -14.61 -20.06 -10.46
C ASP B 71 -13.47 -19.21 -9.94
N ARG B 72 -12.61 -19.81 -9.11
CA ARG B 72 -11.47 -19.10 -8.54
C ARG B 72 -10.51 -18.67 -9.65
N LEU B 73 -10.25 -19.57 -10.58
CA LEU B 73 -9.35 -19.28 -11.69
C LEU B 73 -9.94 -18.18 -12.57
N LEU B 74 -11.25 -18.26 -12.80
CA LEU B 74 -11.94 -17.26 -13.62
C LEU B 74 -11.81 -15.89 -12.98
N ALA B 75 -12.11 -15.77 -11.71
CA ALA B 75 -12.04 -14.50 -11.01
C ALA B 75 -10.68 -13.86 -11.02
N THR B 76 -9.66 -14.66 -10.76
CA THR B 76 -8.34 -14.18 -10.78
C THR B 76 -7.93 -13.77 -12.20
N SER B 77 -8.34 -14.55 -13.17
CA SER B 77 -8.07 -14.26 -14.55
C SER B 77 -8.70 -12.95 -14.97
N LEU B 78 -9.90 -12.67 -14.51
CA LEU B 78 -10.63 -11.44 -14.87
C LEU B 78 -9.78 -10.21 -14.56
N PHE B 79 -9.07 -10.23 -13.42
CA PHE B 79 -8.27 -9.09 -12.96
C PHE B 79 -7.08 -8.86 -13.87
N VAL B 80 -6.51 -9.94 -14.43
CA VAL B 80 -5.37 -9.81 -15.40
C VAL B 80 -5.93 -9.11 -16.65
N TYR B 81 -7.11 -9.48 -17.13
CA TYR B 81 -7.76 -8.74 -18.26
C TYR B 81 -7.97 -7.28 -17.84
N TRP B 82 -8.48 -7.04 -16.63
CA TRP B 82 -8.74 -5.68 -16.10
C TRP B 82 -7.47 -4.86 -16.09
N LEU B 83 -6.37 -5.43 -15.61
CA LEU B 83 -5.09 -4.70 -15.45
C LEU B 83 -4.55 -4.28 -16.83
N PHE B 84 -4.59 -5.15 -17.83
CA PHE B 84 -4.13 -4.79 -19.20
C PHE B 84 -5.06 -3.72 -19.79
N ALA B 85 -6.36 -3.77 -19.49
CA ALA B 85 -7.34 -2.77 -19.98
C ALA B 85 -7.12 -1.44 -19.24
N PHE B 86 -6.75 -1.47 -17.96
CA PHE B 86 -6.55 -0.26 -17.13
C PHE B 86 -5.32 0.49 -17.63
N ASP B 87 -4.22 -0.24 -17.83
CA ASP B 87 -2.92 0.26 -18.32
C ASP B 87 -3.11 0.99 -19.66
N ASP B 88 -3.86 0.39 -20.60
CA ASP B 88 -4.03 0.89 -22.00
C ASP B 88 -4.80 2.22 -22.03
N THR B 98 -2.80 9.87 -19.15
CA THR B 98 -3.27 10.62 -17.94
C THR B 98 -2.10 11.39 -17.30
N ARG B 99 -2.29 12.68 -16.98
CA ARG B 99 -1.35 13.52 -16.22
C ARG B 99 -1.18 12.98 -14.80
N PRO B 100 0.04 13.08 -14.22
CA PRO B 100 0.28 12.72 -12.83
C PRO B 100 -0.77 13.21 -11.82
N ALA B 101 -1.13 14.49 -11.92
CA ALA B 101 -2.11 15.11 -10.99
C ALA B 101 -3.43 14.36 -11.05
N GLN B 102 -3.97 14.10 -12.24
CA GLN B 102 -5.26 13.37 -12.38
C GLN B 102 -5.05 11.90 -12.01
N PHE B 103 -3.91 11.31 -12.39
CA PHE B 103 -3.69 9.87 -12.17
C PHE B 103 -3.68 9.61 -10.67
N ASN B 104 -3.12 10.51 -9.88
CA ASN B 104 -2.97 10.32 -8.41
C ASN B 104 -4.37 10.27 -7.79
N ALA B 105 -5.30 11.07 -8.29
CA ALA B 105 -6.72 11.07 -7.89
C ALA B 105 -7.38 9.76 -8.37
N LEU B 106 -7.19 9.42 -9.64
CA LEU B 106 -7.78 8.17 -10.19
C LEU B 106 -7.24 6.93 -9.43
N ALA B 107 -5.94 6.84 -9.15
CA ALA B 107 -5.38 5.72 -8.37
C ALA B 107 -6.10 5.64 -7.03
N GLY B 108 -6.28 6.77 -6.35
CA GLY B 108 -6.99 6.87 -5.06
C GLY B 108 -8.43 6.37 -5.16
N ARG B 109 -9.18 6.78 -6.18
CA ARG B 109 -10.60 6.38 -6.32
C ARG B 109 -10.67 4.89 -6.63
N VAL B 110 -9.84 4.41 -7.54
CA VAL B 110 -9.93 2.99 -7.94
C VAL B 110 -9.57 2.10 -6.73
N GLN B 111 -8.54 2.46 -5.99
CA GLN B 111 -8.11 1.74 -4.81
C GLN B 111 -9.21 1.75 -3.74
N ARG B 112 -9.88 2.87 -3.60
CA ARG B 112 -10.95 2.96 -2.63
C ARG B 112 -12.11 2.04 -2.99
N ALA B 113 -12.42 1.95 -4.27
CA ALA B 113 -13.47 1.09 -4.73
C ALA B 113 -13.16 -0.38 -4.48
N LEU B 114 -11.90 -0.76 -4.57
CA LEU B 114 -11.46 -2.14 -4.30
C LEU B 114 -11.69 -2.45 -2.81
N GLU B 115 -11.53 -1.48 -1.94
CA GLU B 115 -11.51 -1.67 -0.46
C GLU B 115 -12.90 -1.42 0.15
N ALA B 116 -13.77 -0.69 -0.57
CA ALA B 116 -15.12 -0.30 -0.10
C ALA B 116 -16.17 -0.64 -1.16
N PRO B 117 -16.98 -1.71 -0.96
CA PRO B 117 -18.02 -2.10 -1.90
C PRO B 117 -19.14 -1.08 -2.06
N SER B 118 -19.27 -0.17 -1.08
CA SER B 118 -20.32 0.89 -1.11
C SER B 118 -19.86 2.07 -1.96
N ALA B 119 -18.61 2.10 -2.41
CA ALA B 119 -18.11 3.16 -3.33
C ALA B 119 -18.97 3.10 -4.60
N GLU B 120 -19.28 4.24 -5.22
CA GLU B 120 -20.10 4.33 -6.47
C GLU B 120 -19.19 4.74 -7.64
N ASP B 121 -19.49 4.26 -8.85
CA ASP B 121 -18.64 4.33 -10.08
C ASP B 121 -18.48 5.78 -10.56
N ASN B 122 -19.55 6.57 -10.57
CA ASN B 122 -19.53 7.98 -11.03
C ASN B 122 -19.12 8.01 -12.51
N GLY B 123 -19.62 7.07 -13.31
CA GLY B 123 -19.36 6.94 -14.76
C GLY B 123 -17.96 6.46 -15.12
N ASP B 124 -17.05 6.20 -14.17
CA ASP B 124 -15.72 5.62 -14.48
C ASP B 124 -15.92 4.15 -14.89
N ARG B 125 -15.43 3.77 -16.07
CA ARG B 125 -15.75 2.48 -16.70
C ARG B 125 -14.98 1.34 -16.00
N PHE B 126 -13.87 1.64 -15.31
CA PHE B 126 -13.03 0.61 -14.63
C PHE B 126 -13.60 0.20 -13.27
N VAL B 127 -14.35 1.06 -12.57
CA VAL B 127 -14.68 0.84 -11.13
C VAL B 127 -15.68 -0.30 -10.96
N PRO B 128 -16.85 -0.33 -11.66
CA PRO B 128 -17.80 -1.43 -11.53
C PRO B 128 -17.15 -2.80 -11.81
N ALA B 129 -16.34 -2.87 -12.86
CA ALA B 129 -15.61 -4.10 -13.24
C ALA B 129 -14.68 -4.58 -12.11
N LEU B 130 -13.87 -3.71 -11.50
CA LEU B 130 -12.96 -4.07 -10.38
C LEU B 130 -13.78 -4.46 -9.16
N GLN B 131 -14.89 -3.77 -8.91
CA GLN B 131 -15.77 -4.07 -7.74
C GLN B 131 -16.44 -5.43 -7.93
N ASP B 132 -16.77 -5.81 -9.18
CA ASP B 132 -17.25 -7.19 -9.51
C ASP B 132 -16.12 -8.20 -9.21
N ILE B 133 -14.90 -7.95 -9.66
CA ILE B 133 -13.75 -8.86 -9.33
C ILE B 133 -13.61 -8.96 -7.81
N ALA B 134 -13.73 -7.85 -7.10
CA ALA B 134 -13.53 -7.78 -5.63
C ALA B 134 -14.62 -8.59 -4.91
N ARG B 135 -15.86 -8.48 -5.39
CA ARG B 135 -17.03 -9.22 -4.84
C ARG B 135 -16.78 -10.74 -4.96
N ARG B 136 -16.23 -11.15 -6.09
CA ARG B 136 -15.89 -12.54 -6.33
C ARG B 136 -14.78 -12.98 -5.40
N PHE B 137 -13.76 -12.15 -5.21
CA PHE B 137 -12.68 -12.42 -4.29
C PHE B 137 -13.19 -12.50 -2.86
N ARG B 138 -14.16 -11.69 -2.49
CA ARG B 138 -14.69 -11.70 -1.15
C ARG B 138 -15.56 -12.93 -0.84
N SER B 139 -16.16 -13.52 -1.86
CA SER B 139 -17.01 -14.74 -1.77
C SER B 139 -16.15 -16.01 -1.63
N PHE B 140 -14.88 -16.00 -2.05
CA PHE B 140 -13.97 -17.19 -2.03
C PHE B 140 -12.85 -17.08 -0.99
N GLY B 141 -12.16 -15.94 -0.96
CA GLY B 141 -10.93 -15.76 -0.17
C GLY B 141 -11.25 -15.36 1.24
N THR B 142 -10.30 -15.55 2.14
CA THR B 142 -10.43 -15.07 3.53
C THR B 142 -10.23 -13.56 3.45
N PRO B 143 -10.75 -12.81 4.45
CA PRO B 143 -10.46 -11.38 4.53
C PRO B 143 -8.94 -11.13 4.48
N THR B 144 -8.15 -12.02 5.10
CA THR B 144 -6.68 -11.96 5.08
C THR B 144 -6.16 -11.96 3.64
N GLN B 145 -6.54 -12.93 2.82
CA GLN B 145 -6.08 -13.03 1.41
C GLN B 145 -6.56 -11.79 0.65
N VAL B 146 -7.76 -11.30 0.96
CA VAL B 146 -8.27 -10.11 0.25
C VAL B 146 -7.36 -8.94 0.62
N ARG B 147 -6.95 -8.86 1.90
CA ARG B 147 -6.11 -7.72 2.31
C ARG B 147 -4.76 -7.77 1.58
N ARG B 148 -4.15 -8.95 1.49
CA ARG B 148 -2.86 -9.12 0.76
C ARG B 148 -3.04 -8.59 -0.68
N PHE B 149 -4.11 -8.95 -1.36
CA PHE B 149 -4.38 -8.50 -2.76
C PHE B 149 -4.53 -6.96 -2.76
N VAL B 150 -5.30 -6.39 -1.83
CA VAL B 150 -5.58 -4.92 -1.74
C VAL B 150 -4.25 -4.19 -1.66
N HIS B 151 -3.35 -4.65 -0.78
CA HIS B 151 -2.04 -3.99 -0.53
C HIS B 151 -1.15 -4.14 -1.77
N ALA B 152 -1.10 -5.32 -2.36
CA ALA B 152 -0.37 -5.56 -3.62
C ALA B 152 -0.89 -4.62 -4.71
N HIS B 153 -2.21 -4.41 -4.77
CA HIS B 153 -2.88 -3.56 -5.79
C HIS B 153 -2.43 -2.10 -5.62
N ARG B 154 -2.42 -1.58 -4.39
CA ARG B 154 -1.94 -0.21 -4.10
C ARG B 154 -0.46 -0.09 -4.51
N ALA B 155 0.37 -1.10 -4.21
CA ALA B 155 1.82 -1.05 -4.52
C ALA B 155 2.00 -0.92 -6.03
N TRP B 156 1.22 -1.64 -6.83
CA TRP B 156 1.27 -1.54 -8.30
C TRP B 156 0.86 -0.11 -8.69
N LEU B 157 -0.23 0.41 -8.12
CA LEU B 157 -0.72 1.76 -8.46
C LEU B 157 0.37 2.78 -8.15
N SER B 158 1.08 2.65 -7.02
CA SER B 158 2.24 3.53 -6.64
C SER B 158 3.32 3.51 -7.74
N GLY B 159 3.58 2.34 -8.29
CA GLY B 159 4.67 2.17 -9.26
C GLY B 159 4.25 2.85 -10.56
N VAL B 160 2.97 2.73 -10.93
CA VAL B 160 2.43 3.34 -12.17
C VAL B 160 2.47 4.86 -11.97
N ALA B 161 2.19 5.37 -10.77
CA ALA B 161 2.16 6.82 -10.48
C ALA B 161 3.59 7.34 -10.65
N TRP B 162 4.55 6.59 -10.13
CA TRP B 162 5.99 6.89 -10.26
C TRP B 162 6.38 6.93 -11.75
N GLN B 163 5.97 5.93 -12.50
CA GLN B 163 6.34 5.83 -13.94
C GLN B 163 5.72 6.99 -14.72
N ILE B 164 4.44 7.29 -14.53
CA ILE B 164 3.74 8.44 -15.20
C ILE B 164 4.42 9.77 -14.81
N GLY B 165 4.81 9.91 -13.54
CA GLY B 165 5.58 11.09 -13.07
C GLY B 165 6.88 11.28 -13.83
N ASN B 166 7.74 10.25 -13.86
CA ASN B 166 9.05 10.34 -14.56
C ASN B 166 8.83 10.76 -16.02
N GLN B 167 7.88 10.15 -16.71
CA GLN B 167 7.58 10.44 -18.13
C GLN B 167 7.16 11.92 -18.31
N ALA B 168 6.27 12.44 -17.45
CA ALA B 168 5.75 13.81 -17.61
C ALA B 168 6.90 14.80 -17.47
N ARG B 169 7.91 14.49 -16.67
CA ARG B 169 9.03 15.40 -16.32
C ARG B 169 10.21 15.21 -17.30
N GLY B 170 10.22 14.17 -18.11
CA GLY B 170 11.45 13.75 -18.82
C GLY B 170 12.57 13.46 -17.82
N HIS B 171 12.27 12.67 -16.79
CA HIS B 171 13.30 12.05 -15.91
C HIS B 171 13.46 10.58 -16.31
N MET B 172 14.62 10.22 -16.85
CA MET B 172 15.02 8.82 -17.13
C MET B 172 15.69 8.28 -15.87
N PRO B 173 15.05 7.35 -15.14
CA PRO B 173 15.57 6.91 -13.84
C PRO B 173 16.87 6.10 -14.05
N GLY B 174 17.78 6.18 -13.10
CA GLY B 174 18.95 5.28 -13.04
C GLY B 174 18.51 3.87 -12.74
N LEU B 175 19.42 2.90 -12.79
CA LEU B 175 19.12 1.45 -12.65
C LEU B 175 18.36 1.21 -11.35
N ASP B 176 18.84 1.73 -10.23
CA ASP B 176 18.27 1.44 -8.90
C ASP B 176 16.78 1.88 -8.88
N ASP B 177 16.49 3.14 -9.20
CA ASP B 177 15.12 3.70 -9.22
C ASP B 177 14.28 2.92 -10.22
N TYR B 178 14.78 2.64 -11.42
CA TYR B 178 14.04 1.88 -12.46
C TYR B 178 13.64 0.50 -11.92
N LEU B 179 14.51 -0.22 -11.23
CA LEU B 179 14.18 -1.59 -10.80
C LEU B 179 13.17 -1.50 -9.66
N ALA B 180 13.35 -0.57 -8.75
CA ALA B 180 12.42 -0.35 -7.64
C ALA B 180 11.04 -0.05 -8.21
N MET B 181 10.98 0.80 -9.22
CA MET B 181 9.71 1.30 -9.78
C MET B 181 9.08 0.16 -10.57
N ARG B 182 9.88 -0.56 -11.35
CA ARG B 182 9.33 -1.58 -12.29
C ARG B 182 8.85 -2.81 -11.50
N LEU B 183 9.46 -3.07 -10.37
CA LEU B 183 9.00 -4.09 -9.41
C LEU B 183 7.51 -3.84 -9.11
N LEU B 184 7.11 -2.58 -8.99
CA LEU B 184 5.70 -2.23 -8.70
C LEU B 184 4.92 -2.06 -10.01
N SER B 185 5.41 -1.28 -10.96
CA SER B 185 4.64 -0.79 -12.13
C SER B 185 4.29 -1.91 -13.13
N ALA B 186 4.97 -3.05 -13.09
CA ALA B 186 4.73 -4.13 -14.09
C ALA B 186 3.49 -4.95 -13.73
N GLY B 187 2.87 -4.73 -12.56
CA GLY B 187 1.66 -5.46 -12.13
C GLY B 187 1.91 -6.83 -11.48
N GLY B 188 3.15 -7.21 -11.20
CA GLY B 188 3.51 -8.53 -10.66
C GLY B 188 3.06 -8.68 -9.22
N GLU B 189 3.10 -7.61 -8.41
CA GLU B 189 2.66 -7.71 -7.00
C GLU B 189 1.22 -8.21 -6.94
N PRO B 190 0.23 -7.52 -7.56
CA PRO B 190 -1.15 -8.02 -7.52
C PRO B 190 -1.32 -9.37 -8.21
N THR B 191 -0.60 -9.63 -9.29
CA THR B 191 -0.72 -10.91 -10.04
C THR B 191 -0.32 -12.08 -9.12
N PHE B 192 0.85 -12.02 -8.50
CA PHE B 192 1.36 -13.10 -7.61
C PHE B 192 0.50 -13.21 -6.34
N ALA B 193 -0.14 -12.13 -5.93
CA ALA B 193 -0.96 -12.13 -4.68
C ALA B 193 -2.30 -12.82 -4.96
N MET B 194 -2.56 -13.17 -6.20
CA MET B 194 -3.74 -13.91 -6.57
C MET B 194 -3.53 -15.43 -6.53
N LEU B 195 -2.29 -15.89 -6.44
CA LEU B 195 -2.04 -17.32 -6.38
C LEU B 195 -2.85 -18.06 -5.32
N GLU B 196 -2.84 -17.56 -4.10
CA GLU B 196 -3.60 -18.16 -2.97
C GLU B 196 -5.11 -18.14 -3.22
N ILE B 197 -5.61 -17.01 -3.76
CA ILE B 197 -7.05 -16.84 -4.05
C ILE B 197 -7.43 -17.90 -5.09
N ALA B 198 -6.56 -18.19 -6.05
CA ALA B 198 -6.88 -19.15 -7.13
C ALA B 198 -6.84 -20.59 -6.58
N THR B 199 -5.82 -20.94 -5.78
CA THR B 199 -5.56 -22.30 -5.26
C THR B 199 -6.42 -22.61 -4.03
N GLY B 200 -6.77 -21.61 -3.22
CA GLY B 200 -7.50 -21.79 -1.95
C GLY B 200 -6.56 -22.17 -0.83
N ALA B 201 -5.27 -22.34 -1.11
CA ALA B 201 -4.28 -22.77 -0.10
C ALA B 201 -3.86 -21.52 0.68
N GLU B 202 -4.50 -21.23 1.82
CA GLU B 202 -4.19 -20.03 2.68
C GLU B 202 -2.77 -20.15 3.27
N VAL B 203 -1.90 -19.18 2.99
CA VAL B 203 -0.52 -19.20 3.56
C VAL B 203 -0.55 -18.44 4.87
N PRO B 204 -0.17 -19.06 6.00
CA PRO B 204 -0.21 -18.39 7.28
C PRO B 204 0.76 -17.18 7.22
N ASP B 205 0.39 -16.07 7.87
CA ASP B 205 1.21 -14.83 8.06
C ASP B 205 2.69 -15.18 8.35
N ARG B 206 2.93 -16.05 9.32
CA ARG B 206 4.27 -16.39 9.86
C ARG B 206 5.15 -16.88 8.71
N GLU B 207 4.58 -17.56 7.73
CA GLU B 207 5.33 -18.05 6.55
C GLU B 207 5.30 -17.00 5.44
N MET B 208 4.14 -16.41 5.15
CA MET B 208 4.03 -15.45 4.00
C MET B 208 5.01 -14.28 4.19
N HIS B 209 5.12 -13.68 5.36
CA HIS B 209 5.89 -12.44 5.60
C HIS B 209 7.33 -12.72 6.06
N ARG B 210 7.78 -13.97 6.09
CA ARG B 210 9.22 -14.29 6.23
C ARG B 210 9.97 -13.50 5.15
N PRO B 211 11.00 -12.71 5.51
CA PRO B 211 11.76 -11.95 4.52
C PRO B 211 12.23 -12.79 3.33
N ALA B 212 12.70 -14.01 3.58
CA ALA B 212 13.10 -15.01 2.57
C ALA B 212 11.98 -15.14 1.53
N VAL B 213 10.75 -15.25 1.99
CA VAL B 213 9.56 -15.45 1.11
C VAL B 213 9.21 -14.13 0.39
N ARG B 214 9.44 -13.01 1.04
CA ARG B 214 9.26 -11.66 0.44
C ARG B 214 10.31 -11.49 -0.67
N ALA B 215 11.57 -11.83 -0.40
CA ALA B 215 12.67 -11.77 -1.39
C ALA B 215 12.36 -12.68 -2.59
N LEU B 216 11.83 -13.88 -2.34
CA LEU B 216 11.43 -14.80 -3.42
C LEU B 216 10.30 -14.19 -4.24
N THR B 217 9.26 -13.65 -3.58
CA THR B 217 8.15 -12.97 -4.26
C THR B 217 8.71 -11.83 -5.14
N GLU B 218 9.56 -10.95 -4.61
CA GLU B 218 10.06 -9.78 -5.35
C GLU B 218 10.95 -10.23 -6.50
N MET B 219 11.72 -11.31 -6.30
CA MET B 219 12.62 -11.80 -7.37
C MET B 219 11.79 -12.41 -8.50
N ALA B 220 10.77 -13.19 -8.18
CA ALA B 220 9.81 -13.66 -9.21
C ALA B 220 9.25 -12.42 -9.94
N ILE B 221 8.86 -11.41 -9.18
CA ILE B 221 8.20 -10.22 -9.80
C ILE B 221 9.22 -9.54 -10.71
N MET B 222 10.43 -9.31 -10.22
CA MET B 222 11.49 -8.58 -10.96
C MET B 222 11.80 -9.30 -12.28
N VAL B 223 11.99 -10.63 -12.24
CA VAL B 223 12.26 -11.43 -13.46
C VAL B 223 11.08 -11.33 -14.44
N ALA B 224 9.83 -11.44 -14.00
CA ALA B 224 8.65 -11.33 -14.91
C ALA B 224 8.62 -9.95 -15.58
N ALA B 225 8.96 -8.91 -14.80
CA ALA B 225 9.02 -7.50 -15.25
C ALA B 225 10.10 -7.30 -16.32
N LEU B 226 11.30 -7.82 -16.07
CA LEU B 226 12.43 -7.74 -17.04
C LEU B 226 12.12 -8.58 -18.29
N ASP B 227 11.43 -9.71 -18.15
CA ASP B 227 11.01 -10.48 -19.34
C ASP B 227 9.92 -9.71 -20.10
N ASN B 228 9.10 -8.91 -19.44
CA ASN B 228 8.11 -8.11 -20.13
C ASN B 228 8.76 -6.95 -20.88
N ASP B 229 9.81 -6.40 -20.32
CA ASP B 229 10.49 -5.27 -20.92
C ASP B 229 11.06 -5.70 -22.24
N ARG B 230 11.24 -6.97 -22.31
CA ARG B 230 11.97 -7.52 -23.46
C ARG B 230 11.18 -7.31 -24.75
N HIS B 231 10.02 -6.71 -24.66
CA HIS B 231 9.27 -6.48 -25.86
C HIS B 231 9.57 -5.13 -26.45
N SER B 232 10.86 -4.92 -26.62
CA SER B 232 11.41 -3.78 -27.27
C SER B 232 11.33 -4.28 -28.70
N LEU B 233 10.25 -3.93 -29.37
CA LEU B 233 9.94 -4.42 -30.68
C LEU B 233 9.14 -3.35 -31.34
N THR B 242 6.22 3.41 -23.94
CA THR B 242 6.99 3.39 -22.66
C THR B 242 8.48 3.17 -22.97
N ASP B 243 9.24 4.25 -23.17
CA ASP B 243 10.71 4.21 -23.38
C ASP B 243 11.41 4.16 -22.02
N GLN B 244 10.65 4.18 -20.92
CA GLN B 244 11.16 3.78 -19.58
C GLN B 244 11.20 2.24 -19.54
N ASN B 245 12.35 1.67 -19.85
CA ASN B 245 12.61 0.21 -19.84
C ASN B 245 14.10 0.03 -19.57
N ILE B 246 14.50 -1.17 -19.18
CA ILE B 246 15.86 -1.46 -18.69
C ILE B 246 16.88 -1.06 -19.78
N TYR B 247 16.54 -1.22 -21.06
CA TYR B 247 17.43 -0.94 -22.22
C TYR B 247 17.69 0.56 -22.34
N SER B 248 16.62 1.34 -22.31
CA SER B 248 16.64 2.83 -22.33
C SER B 248 17.47 3.31 -21.16
N VAL B 249 17.24 2.69 -19.99
CA VAL B 249 17.87 3.16 -18.74
C VAL B 249 19.37 2.92 -18.90
N LEU B 250 19.75 1.75 -19.40
CA LEU B 250 21.19 1.38 -19.49
C LEU B 250 21.85 2.19 -20.62
N MET B 251 21.18 2.40 -21.76
CA MET B 251 21.73 3.21 -22.88
C MET B 251 21.98 4.65 -22.38
N HIS B 252 21.01 5.24 -21.68
CA HIS B 252 21.06 6.66 -21.21
C HIS B 252 22.11 6.84 -20.11
N HIS B 253 22.25 5.91 -19.14
CA HIS B 253 23.09 6.10 -17.92
C HIS B 253 24.49 5.49 -18.11
N ARG B 254 24.65 4.51 -19.00
CA ARG B 254 25.95 3.81 -19.21
C ARG B 254 26.53 4.19 -20.57
N GLY B 255 25.77 4.92 -21.40
CA GLY B 255 26.17 5.30 -22.76
C GLY B 255 26.44 4.07 -23.62
N MET B 256 25.74 2.97 -23.35
CA MET B 256 25.78 1.73 -24.18
C MET B 256 24.90 1.92 -25.43
N SER B 257 25.17 1.14 -26.47
CA SER B 257 24.29 0.93 -27.66
C SER B 257 23.15 -0.02 -27.29
N LEU B 258 22.12 -0.13 -28.13
CA LEU B 258 21.01 -1.07 -27.86
C LEU B 258 21.57 -2.48 -27.59
N GLN B 259 22.52 -2.94 -28.42
CA GLN B 259 23.03 -4.34 -28.36
C GLN B 259 23.86 -4.51 -27.08
N GLU B 260 24.67 -3.53 -26.67
CA GLU B 260 25.46 -3.62 -25.41
C GLU B 260 24.49 -3.68 -24.21
N ALA B 261 23.28 -3.11 -24.36
CA ALA B 261 22.25 -2.99 -23.30
C ALA B 261 21.40 -4.26 -23.21
N VAL B 262 20.99 -4.82 -24.36
CA VAL B 262 20.30 -6.13 -24.42
C VAL B 262 21.21 -7.19 -23.77
N GLU B 263 22.51 -7.10 -24.07
CA GLU B 263 23.57 -7.95 -23.45
C GLU B 263 23.57 -7.70 -21.94
N GLU B 264 23.62 -6.46 -21.49
CA GLU B 264 23.74 -6.14 -20.04
C GLU B 264 22.42 -6.45 -19.29
N ALA B 265 21.26 -6.17 -19.88
CA ALA B 265 19.96 -6.44 -19.26
C ALA B 265 19.82 -7.95 -19.00
N THR B 266 20.27 -8.79 -19.94
CA THR B 266 20.10 -10.26 -19.89
C THR B 266 20.93 -10.79 -18.71
N LYS B 267 22.14 -10.26 -18.54
CA LYS B 267 23.05 -10.61 -17.42
C LYS B 267 22.43 -10.20 -16.06
N LEU B 268 21.93 -8.98 -15.91
CA LEU B 268 21.21 -8.54 -14.68
C LEU B 268 20.12 -9.55 -14.35
N ARG B 269 19.26 -9.82 -15.33
CA ARG B 269 18.02 -10.58 -15.16
C ARG B 269 18.37 -12.02 -14.77
N ASP B 270 19.27 -12.63 -15.54
CA ASP B 270 19.72 -14.04 -15.36
C ASP B 270 20.29 -14.13 -13.96
N ARG B 271 21.03 -13.11 -13.53
CA ARG B 271 21.68 -13.13 -12.20
C ARG B 271 20.60 -13.10 -11.10
N ILE B 272 19.49 -12.36 -11.32
CA ILE B 272 18.37 -12.32 -10.35
C ILE B 272 17.71 -13.71 -10.30
N LEU B 273 17.43 -14.31 -11.43
CA LEU B 273 16.75 -15.62 -11.43
C LEU B 273 17.68 -16.68 -10.83
N LEU B 274 18.99 -16.55 -11.07
CA LEU B 274 19.95 -17.45 -10.39
C LEU B 274 19.81 -17.25 -8.87
N ARG B 275 19.66 -16.04 -8.36
CA ARG B 275 19.49 -15.86 -6.90
C ARG B 275 18.18 -16.51 -6.46
N PHE B 276 17.13 -16.39 -7.28
CA PHE B 276 15.80 -16.92 -6.93
C PHE B 276 15.88 -18.44 -6.76
N LEU B 277 16.49 -19.13 -7.72
CA LEU B 277 16.61 -20.62 -7.69
C LEU B 277 17.37 -21.05 -6.43
N GLU B 278 18.48 -20.37 -6.11
CA GLU B 278 19.35 -20.63 -4.94
C GLU B 278 18.55 -20.43 -3.63
N LEU B 279 17.94 -19.27 -3.42
CA LEU B 279 17.13 -18.99 -2.20
C LEU B 279 15.96 -19.97 -2.13
N HIS B 280 15.32 -20.27 -3.28
CA HIS B 280 14.18 -21.20 -3.32
C HIS B 280 14.60 -22.58 -2.77
N ASP B 281 15.75 -23.10 -3.21
CA ASP B 281 16.25 -24.46 -2.83
C ASP B 281 16.60 -24.49 -1.33
N ARG B 282 17.05 -23.37 -0.76
CA ARG B 282 17.27 -23.25 0.70
C ARG B 282 15.93 -23.19 1.46
N VAL B 283 14.84 -22.71 0.86
CA VAL B 283 13.55 -22.45 1.60
C VAL B 283 12.55 -23.59 1.41
N ARG B 284 12.49 -24.21 0.21
CA ARG B 284 11.42 -25.18 -0.17
C ARG B 284 11.41 -26.36 0.83
N PRO B 285 12.55 -26.99 1.18
CA PRO B 285 12.51 -28.23 1.96
C PRO B 285 11.68 -28.15 3.27
N GLY B 286 11.88 -27.10 4.09
CA GLY B 286 11.20 -26.92 5.40
C GLY B 286 9.75 -26.47 5.29
N ALA B 287 9.30 -26.10 4.09
CA ALA B 287 8.05 -25.34 3.88
C ALA B 287 6.84 -26.26 4.03
N GLY B 288 5.80 -25.76 4.71
CA GLY B 288 4.49 -26.44 4.79
C GLY B 288 3.82 -26.50 3.43
N ALA B 289 2.69 -27.18 3.39
CA ALA B 289 1.92 -27.51 2.17
C ALA B 289 1.51 -26.21 1.49
N GLU B 290 0.98 -25.25 2.25
CA GLU B 290 0.41 -24.01 1.66
C GLU B 290 1.58 -23.15 1.12
N LEU B 291 2.66 -23.01 1.89
CA LEU B 291 3.81 -22.22 1.39
C LEU B 291 4.45 -22.94 0.18
N SER B 292 4.50 -24.28 0.17
CA SER B 292 5.08 -25.06 -0.96
C SER B 292 4.30 -24.79 -2.24
N THR B 293 2.96 -24.83 -2.18
CA THR B 293 2.06 -24.53 -3.32
C THR B 293 2.39 -23.11 -3.81
N TYR B 294 2.51 -22.16 -2.90
CA TYR B 294 2.74 -20.73 -3.24
C TYR B 294 4.06 -20.60 -4.01
N LEU B 295 5.12 -21.23 -3.50
CA LEU B 295 6.45 -21.20 -4.16
C LEU B 295 6.37 -21.89 -5.54
N GLN B 296 5.66 -23.01 -5.66
CA GLN B 296 5.46 -23.66 -6.98
C GLN B 296 4.79 -22.62 -7.90
N GLY B 297 3.88 -21.81 -7.34
CA GLY B 297 3.19 -20.71 -8.04
C GLY B 297 4.17 -19.68 -8.53
N LEU B 298 5.07 -19.20 -7.67
CA LEU B 298 6.13 -18.25 -8.11
C LEU B 298 6.79 -18.80 -9.37
N ARG B 299 7.14 -20.08 -9.38
CA ARG B 299 7.97 -20.72 -10.44
C ARG B 299 7.13 -20.87 -11.71
N HIS B 300 5.90 -21.33 -11.54
CA HIS B 300 4.96 -21.49 -12.67
C HIS B 300 4.72 -20.12 -13.32
N GLY B 301 4.59 -19.09 -12.49
CA GLY B 301 4.35 -17.71 -12.95
C GLY B 301 5.55 -17.13 -13.69
N ILE B 302 6.77 -17.35 -13.20
CA ILE B 302 7.97 -16.87 -13.92
C ILE B 302 8.01 -17.53 -15.31
N ARG B 303 7.92 -18.86 -15.36
CA ARG B 303 7.91 -19.61 -16.64
C ARG B 303 6.72 -19.21 -17.49
N GLY B 304 5.53 -19.19 -16.88
CA GLY B 304 4.28 -18.85 -17.56
C GLY B 304 4.41 -17.50 -18.23
N ASN B 305 5.03 -16.55 -17.53
CA ASN B 305 5.16 -15.16 -18.00
C ASN B 305 6.07 -15.15 -19.22
N ALA B 306 7.22 -15.79 -19.13
CA ALA B 306 8.16 -15.88 -20.27
C ALA B 306 7.46 -16.61 -21.42
N GLU B 307 6.88 -17.78 -21.16
CA GLU B 307 6.28 -18.65 -22.20
C GLU B 307 5.12 -17.91 -22.89
N TRP B 308 4.16 -17.37 -22.15
CA TRP B 308 3.02 -16.58 -22.70
C TRP B 308 3.50 -15.41 -23.58
N GLY B 309 4.55 -14.69 -23.17
CA GLY B 309 5.12 -13.59 -23.96
C GLY B 309 5.63 -14.06 -25.32
N LEU B 310 6.26 -15.25 -25.38
CA LEU B 310 6.88 -15.85 -26.61
C LEU B 310 5.81 -16.40 -27.56
N ARG B 311 4.63 -16.77 -27.03
CA ARG B 311 3.56 -17.54 -27.74
C ARG B 311 2.46 -16.61 -28.28
N VAL B 312 2.25 -15.43 -27.70
CA VAL B 312 1.02 -14.58 -27.92
C VAL B 312 1.10 -13.86 -29.27
N ASP B 327 1.69 -23.26 -30.68
CA ASP B 327 2.53 -24.40 -30.19
C ASP B 327 3.76 -24.56 -31.10
N ALA B 328 4.58 -23.51 -31.23
CA ALA B 328 5.91 -23.54 -31.91
C ALA B 328 6.93 -24.12 -30.95
N PRO B 329 7.92 -24.92 -31.41
CA PRO B 329 9.00 -25.38 -30.52
C PRO B 329 9.79 -24.14 -30.07
N LEU B 330 9.82 -23.89 -28.76
CA LEU B 330 10.58 -22.76 -28.14
C LEU B 330 11.97 -23.26 -27.75
N THR B 331 13.00 -22.47 -28.01
CA THR B 331 14.38 -22.75 -27.53
C THR B 331 14.60 -21.91 -26.27
N TRP B 332 15.16 -22.53 -25.24
CA TRP B 332 15.50 -21.92 -23.93
C TRP B 332 17.01 -22.03 -23.76
N ALA B 333 17.64 -20.98 -23.22
CA ALA B 333 19.05 -21.01 -22.79
C ALA B 333 19.17 -22.09 -21.71
N GLU B 334 20.09 -23.02 -21.93
CA GLU B 334 20.38 -24.10 -20.98
C GLU B 334 21.10 -23.53 -19.76
N SER B 335 21.84 -22.42 -19.92
CA SER B 335 22.74 -21.84 -18.88
C SER B 335 22.53 -20.34 -18.72
N PRO B 336 22.76 -19.76 -17.53
CA PRO B 336 22.67 -18.31 -17.35
C PRO B 336 23.78 -17.61 -18.15
N SER B 337 23.52 -16.40 -18.65
CA SER B 337 24.53 -15.57 -19.35
C SER B 337 25.51 -14.93 -18.34
N ASP B 338 25.21 -14.95 -17.05
CA ASP B 338 26.08 -14.39 -15.98
C ASP B 338 25.79 -15.21 -14.72
N SER B 339 26.81 -15.88 -14.16
CA SER B 339 26.63 -16.85 -13.05
C SER B 339 27.11 -16.27 -11.73
N SER B 340 27.41 -14.97 -11.66
CA SER B 340 27.92 -14.29 -10.43
C SER B 340 26.90 -14.44 -9.29
N PRO B 341 27.34 -14.94 -8.10
CA PRO B 341 26.45 -15.03 -6.94
C PRO B 341 26.29 -13.72 -6.15
N SER B 342 26.81 -12.60 -6.66
CA SER B 342 26.95 -11.30 -5.95
C SER B 342 25.73 -10.42 -6.20
N PRO B 343 25.43 -9.45 -5.31
CA PRO B 343 24.41 -8.46 -5.60
C PRO B 343 24.78 -7.60 -6.84
N LEU B 344 23.80 -7.24 -7.67
CA LEU B 344 23.93 -6.23 -8.75
C LEU B 344 24.59 -4.98 -8.18
N PRO B 345 25.75 -4.54 -8.71
CA PRO B 345 26.27 -3.21 -8.37
C PRO B 345 25.39 -2.20 -9.12
N GLY B 346 25.11 -1.07 -8.48
CA GLY B 346 24.26 0.02 -9.01
C GLY B 346 22.80 -0.09 -8.56
N ALA B 347 22.44 -1.17 -7.84
CA ALA B 347 21.05 -1.55 -7.48
C ALA B 347 20.97 -1.88 -6.00
N PRO B 348 21.40 -0.96 -5.12
CA PRO B 348 21.35 -1.20 -3.68
C PRO B 348 19.93 -1.45 -3.11
N SER B 349 18.83 -1.08 -3.81
CA SER B 349 17.44 -1.30 -3.30
C SER B 349 17.07 -2.80 -3.33
N ILE B 350 17.79 -3.62 -4.09
CA ILE B 350 17.49 -5.08 -4.21
C ILE B 350 18.64 -5.93 -3.61
N ALA B 351 19.72 -5.34 -3.08
CA ALA B 351 20.91 -6.10 -2.60
C ALA B 351 20.55 -6.99 -1.40
N TRP B 352 19.54 -6.62 -0.61
CA TRP B 352 19.10 -7.44 0.55
C TRP B 352 18.63 -8.81 0.07
N TRP B 353 18.26 -8.96 -1.21
CA TRP B 353 17.87 -10.29 -1.73
C TRP B 353 19.02 -11.30 -1.55
N TRP B 354 20.28 -10.83 -1.47
CA TRP B 354 21.50 -11.67 -1.39
C TRP B 354 22.08 -11.73 0.04
N ASP B 355 21.46 -11.06 1.01
CA ASP B 355 21.97 -10.98 2.41
C ASP B 355 21.28 -12.07 3.27
N ASP B 356 21.84 -13.28 3.32
CA ASP B 356 21.28 -14.45 4.07
C ASP B 356 21.11 -14.08 5.56
N ALA B 357 22.01 -13.28 6.14
CA ALA B 357 21.92 -12.86 7.55
C ALA B 357 20.56 -12.20 7.77
N LEU B 358 20.22 -11.26 6.90
CA LEU B 358 18.96 -10.49 6.96
C LEU B 358 17.73 -11.37 6.63
N LEU B 359 17.90 -12.51 5.93
CA LEU B 359 16.81 -13.47 5.54
C LEU B 359 16.81 -14.74 6.41
N GLY B 360 16.53 -14.68 7.70
CA GLY B 360 16.40 -15.90 8.53
C GLY B 360 15.38 -15.75 9.65
C1 PEG C . -1.87 -1.89 21.29
O1 PEG C . -1.90 -3.06 20.40
C2 PEG C . -3.17 -1.07 21.55
O2 PEG C . -2.81 0.16 22.22
C3 PEG C . -2.80 0.19 23.67
C4 PEG C . -1.60 0.97 24.22
O4 PEG C . -0.87 0.43 25.47
C1 PEG D . -9.00 2.90 1.59
O1 PEG D . -8.88 4.20 2.09
C2 PEG D . -7.79 2.47 0.85
O2 PEG D . -8.00 2.55 -0.56
C3 PEG D . -8.39 3.89 -0.90
C4 PEG D . -7.62 4.40 -2.04
O4 PEG D . -7.23 5.69 -1.81
C1 PEG E . -1.23 -21.22 -2.72
O1 PEG E . -0.33 -21.19 -1.58
C2 PEG E . -0.78 -20.52 -4.02
O2 PEG E . -0.60 -21.48 -5.09
C3 PEG E . 0.29 -21.15 -6.19
C4 PEG E . 0.50 -22.38 -7.12
O4 PEG E . -0.13 -22.35 -8.47
#